data_1J32
#
_entry.id   1J32
#
_cell.length_a   120.220
_cell.length_b   131.260
_cell.length_c   107.850
_cell.angle_alpha   90.00
_cell.angle_beta   90.00
_cell.angle_gamma   90.00
#
_symmetry.space_group_name_H-M   'C 2 2 21'
#
loop_
_entity.id
_entity.type
_entity.pdbx_description
1 polymer 'aspartate aminotransferase'
2 non-polymer "PYRIDOXAL-5'-PHOSPHATE"
3 water water
#
_entity_poly.entity_id   1
_entity_poly.type   'polypeptide(L)'
_entity_poly.pdbx_seq_one_letter_code
;MKLAARVESVSPSMTLIIDAKAKAMKAEGIDVCSFSAGEPDFNTPKHIVEAAKAALEQGKTRYGPAAGEPRLREAIAQKL
QRDNGLCYGADNILVTNGGKQSIFNLMLAMIEPGDEVIIPAPFWVSYPEMVKLAEGTPVILPTTVETQFKVSPEQIRQAI
TPKTKLLVFNTPSNPTGMVYTPDEVRAIAQVAVEAGLWVLSDEIYEKILYDDAQHLSIGAASPEAYERSVVCSGFAKTYA
MTGWRVGFLAGPVPLVKAATKIQGHSTSNVCTFAQYGAIAAYENSQDCVQEMLAAFAERRRYMLDALNAMPGLECPKPDG
AFYMFPSIAKTGRSSLDFCSELLDQHQVATVPGAAFGADDCIRLSYATDLDTIKRGMERLEKFLHGIL
;
_entity_poly.pdbx_strand_id   A,B
#
# COMPACT_ATOMS: atom_id res chain seq x y z
N MET A 1 5.25 -10.45 21.27
CA MET A 1 6.32 -10.27 22.31
C MET A 1 7.55 -9.63 21.68
N LYS A 2 8.18 -10.37 20.77
CA LYS A 2 9.38 -9.88 20.11
C LYS A 2 9.08 -9.56 18.65
N LEU A 3 9.26 -8.31 18.28
CA LEU A 3 9.00 -7.86 16.93
C LEU A 3 10.22 -8.14 16.05
N ALA A 4 9.98 -8.26 14.75
CA ALA A 4 11.06 -8.52 13.80
C ALA A 4 12.10 -7.43 13.90
N ALA A 5 13.37 -7.80 13.75
CA ALA A 5 14.46 -6.85 13.82
C ALA A 5 14.27 -5.69 12.84
N ARG A 6 13.70 -5.97 11.68
CA ARG A 6 13.52 -4.91 10.68
C ARG A 6 12.66 -3.74 11.16
N VAL A 7 11.61 -4.01 11.94
CA VAL A 7 10.76 -2.92 12.41
C VAL A 7 11.29 -2.27 13.68
N GLU A 8 11.97 -3.06 14.51
CA GLU A 8 12.55 -2.53 15.75
C GLU A 8 13.68 -1.55 15.43
N SER A 9 14.22 -1.62 14.21
CA SER A 9 15.32 -0.75 13.80
C SER A 9 14.84 0.60 13.26
N VAL A 10 13.53 0.73 13.07
CA VAL A 10 12.98 1.99 12.55
C VAL A 10 12.80 3.04 13.65
N SER A 11 13.54 4.14 13.52
CA SER A 11 13.49 5.24 14.48
C SER A 11 12.11 5.90 14.58
N PRO A 12 11.78 6.40 15.78
CA PRO A 12 10.49 7.07 16.04
C PRO A 12 10.50 8.51 15.53
N SER A 13 9.36 8.95 15.01
CA SER A 13 9.25 10.31 14.49
C SER A 13 9.46 11.34 15.60
N MET A 14 10.19 12.41 15.27
CA MET A 14 10.45 13.48 16.23
C MET A 14 9.81 14.77 15.73
N THR A 15 8.84 14.62 14.84
CA THR A 15 8.13 15.75 14.25
C THR A 15 6.64 15.76 14.57
N LEU A 16 6.04 14.58 14.69
CA LEU A 16 4.62 14.47 15.00
C LEU A 16 4.26 15.19 16.29
N ILE A 17 5.27 15.76 16.93
CA ILE A 17 5.06 16.51 18.16
C ILE A 17 4.71 17.94 17.79
N ILE A 18 5.25 18.41 16.66
CA ILE A 18 4.98 19.76 16.19
C ILE A 18 3.94 19.81 15.07
N ASP A 19 4.25 19.18 13.94
CA ASP A 19 3.33 19.17 12.80
C ASP A 19 1.93 18.76 13.22
N ALA A 20 1.84 17.90 14.23
CA ALA A 20 0.55 17.43 14.72
C ALA A 20 0.01 18.35 15.80
N LYS A 21 0.91 18.96 16.57
CA LYS A 21 0.51 19.87 17.63
C LYS A 21 -0.07 21.16 17.06
N ALA A 22 0.65 21.76 16.11
CA ALA A 22 0.21 22.99 15.48
C ALA A 22 -1.23 22.81 15.04
N LYS A 23 -1.54 21.61 14.56
CA LYS A 23 -2.89 21.27 14.12
C LYS A 23 -3.83 21.31 15.31
N ALA A 24 -3.44 20.63 16.39
CA ALA A 24 -4.23 20.59 17.61
C ALA A 24 -4.43 21.99 18.18
N MET A 25 -3.43 22.84 17.99
CA MET A 25 -3.48 24.22 18.48
C MET A 25 -4.45 25.01 17.61
N LYS A 26 -4.35 24.81 16.30
CA LYS A 26 -5.21 25.49 15.35
C LYS A 26 -6.68 25.12 15.62
N ALA A 27 -6.92 23.85 15.93
CA ALA A 27 -8.26 23.35 16.20
C ALA A 27 -8.76 23.78 17.58
N GLU A 28 -7.91 24.45 18.34
CA GLU A 28 -8.28 24.89 19.67
C GLU A 28 -8.48 26.41 19.71
N GLY A 29 -8.45 27.03 18.54
CA GLY A 29 -8.64 28.48 18.46
C GLY A 29 -7.38 29.32 18.43
N ILE A 30 -6.24 28.71 18.72
CA ILE A 30 -4.96 29.43 18.73
C ILE A 30 -4.50 29.82 17.32
N ASP A 31 -4.16 31.10 17.14
CA ASP A 31 -3.71 31.60 15.85
C ASP A 31 -2.29 31.16 15.54
N VAL A 32 -2.15 30.01 14.89
CA VAL A 32 -0.85 29.48 14.55
C VAL A 32 -0.46 29.80 13.12
N CYS A 33 0.79 30.20 12.92
CA CYS A 33 1.30 30.47 11.59
C CYS A 33 2.11 29.22 11.25
N SER A 34 1.45 28.27 10.59
CA SER A 34 2.10 27.01 10.25
C SER A 34 2.95 27.01 8.98
N PHE A 35 4.21 26.65 9.13
CA PHE A 35 5.16 26.54 8.03
C PHE A 35 5.73 25.14 8.08
N SER A 36 4.98 24.22 8.69
CA SER A 36 5.44 22.85 8.83
C SER A 36 4.82 21.83 7.89
N ALA A 37 3.84 22.24 7.10
CA ALA A 37 3.17 21.32 6.18
C ALA A 37 4.03 20.80 5.04
N GLY A 38 3.92 19.52 4.76
CA GLY A 38 4.68 18.90 3.69
C GLY A 38 3.79 18.65 2.47
N GLU A 39 2.72 19.44 2.36
CA GLU A 39 1.79 19.31 1.25
C GLU A 39 1.24 20.70 0.93
N PRO A 40 0.91 20.95 -0.35
CA PRO A 40 0.37 22.28 -0.70
C PRO A 40 -0.95 22.53 0.01
N ASP A 41 -1.35 23.80 0.08
CA ASP A 41 -2.62 24.17 0.72
C ASP A 41 -3.79 24.10 -0.25
N PHE A 42 -3.49 24.16 -1.55
CA PHE A 42 -4.51 24.12 -2.59
C PHE A 42 -5.32 22.83 -2.60
N ASN A 43 -6.57 22.95 -3.03
CA ASN A 43 -7.45 21.79 -3.13
C ASN A 43 -7.04 21.08 -4.41
N THR A 44 -7.44 19.82 -4.56
CA THR A 44 -7.10 19.09 -5.79
C THR A 44 -7.89 19.78 -6.91
N PRO A 45 -7.24 20.01 -8.07
CA PRO A 45 -7.95 20.66 -9.17
C PRO A 45 -9.30 20.00 -9.43
N LYS A 46 -10.32 20.83 -9.69
CA LYS A 46 -11.68 20.34 -9.91
C LYS A 46 -11.84 19.20 -10.92
N HIS A 47 -11.25 19.34 -12.10
CA HIS A 47 -11.41 18.30 -13.12
C HIS A 47 -10.91 16.93 -12.67
N ILE A 48 -9.88 16.93 -11.81
CA ILE A 48 -9.35 15.66 -11.32
C ILE A 48 -10.36 15.04 -10.36
N VAL A 49 -10.93 15.86 -9.48
CA VAL A 49 -11.92 15.37 -8.53
C VAL A 49 -13.12 14.82 -9.28
N GLU A 50 -13.58 15.55 -10.29
CA GLU A 50 -14.73 15.13 -11.09
C GLU A 50 -14.44 13.81 -11.79
N ALA A 51 -13.22 13.64 -12.29
CA ALA A 51 -12.84 12.42 -12.98
C ALA A 51 -12.97 11.22 -12.04
N ALA A 52 -12.62 11.41 -10.77
CA ALA A 52 -12.71 10.35 -9.78
C ALA A 52 -14.17 10.05 -9.46
N LYS A 53 -14.98 11.10 -9.29
CA LYS A 53 -16.38 10.93 -8.99
C LYS A 53 -17.08 10.18 -10.14
N ALA A 54 -16.70 10.50 -11.36
CA ALA A 54 -17.27 9.86 -12.54
C ALA A 54 -16.95 8.36 -12.54
N ALA A 55 -15.70 8.04 -12.18
CA ALA A 55 -15.25 6.65 -12.12
C ALA A 55 -16.05 5.88 -11.07
N LEU A 56 -16.30 6.52 -9.93
CA LEU A 56 -17.08 5.91 -8.86
C LEU A 56 -18.50 5.64 -9.34
N GLU A 57 -19.08 6.63 -10.02
CA GLU A 57 -20.44 6.51 -10.54
C GLU A 57 -20.51 5.42 -11.60
N GLN A 58 -19.45 5.28 -12.38
CA GLN A 58 -19.40 4.28 -13.44
C GLN A 58 -19.03 2.88 -12.94
N GLY A 59 -18.88 2.74 -11.63
CA GLY A 59 -18.56 1.43 -11.06
C GLY A 59 -17.12 0.96 -11.17
N LYS A 60 -16.17 1.87 -11.26
CA LYS A 60 -14.76 1.49 -11.33
C LYS A 60 -14.34 1.28 -9.88
N THR A 61 -14.88 0.22 -9.29
CA THR A 61 -14.66 -0.10 -7.88
C THR A 61 -14.20 -1.54 -7.65
N ARG A 62 -13.77 -2.21 -8.71
CA ARG A 62 -13.34 -3.60 -8.64
C ARG A 62 -11.82 -3.76 -8.67
N TYR A 63 -11.36 -4.99 -8.48
CA TYR A 63 -9.92 -5.27 -8.55
C TYR A 63 -9.46 -4.93 -9.95
N GLY A 64 -8.17 -4.63 -10.07
CA GLY A 64 -7.61 -4.33 -11.36
C GLY A 64 -6.23 -4.95 -11.41
N PRO A 65 -5.49 -4.77 -12.51
CA PRO A 65 -4.15 -5.35 -12.63
C PRO A 65 -3.23 -4.78 -11.55
N ALA A 66 -2.40 -5.64 -10.97
CA ALA A 66 -1.48 -5.20 -9.93
C ALA A 66 -0.59 -4.06 -10.44
N ALA A 67 -0.21 -4.12 -11.71
CA ALA A 67 0.66 -3.11 -12.32
C ALA A 67 -0.01 -1.76 -12.48
N GLY A 68 -1.34 -1.74 -12.38
CA GLY A 68 -2.08 -0.50 -12.51
C GLY A 68 -2.99 -0.52 -13.72
N GLU A 69 -3.85 0.48 -13.85
CA GLU A 69 -4.76 0.57 -14.99
C GLU A 69 -3.95 0.79 -16.26
N PRO A 70 -4.24 0.04 -17.33
CA PRO A 70 -3.52 0.18 -18.59
C PRO A 70 -3.47 1.64 -19.08
N ARG A 71 -4.60 2.35 -18.95
CA ARG A 71 -4.66 3.74 -19.38
C ARG A 71 -3.77 4.67 -18.56
N LEU A 72 -3.64 4.39 -17.26
CA LEU A 72 -2.81 5.24 -16.43
C LEU A 72 -1.34 4.95 -16.69
N ARG A 73 -1.01 3.67 -16.88
CA ARG A 73 0.37 3.32 -17.16
C ARG A 73 0.82 3.95 -18.47
N GLU A 74 -0.10 4.03 -19.43
CA GLU A 74 0.20 4.62 -20.73
C GLU A 74 0.30 6.14 -20.60
N ALA A 75 -0.58 6.75 -19.83
CA ALA A 75 -0.55 8.20 -19.65
C ALA A 75 0.74 8.63 -18.94
N ILE A 76 1.24 7.77 -18.06
CA ILE A 76 2.47 8.06 -17.32
C ILE A 76 3.67 7.99 -18.25
N ALA A 77 3.72 6.92 -19.05
CA ALA A 77 4.81 6.72 -19.99
C ALA A 77 4.89 7.88 -20.98
N GLN A 78 3.74 8.33 -21.46
CA GLN A 78 3.71 9.44 -22.41
C GLN A 78 4.23 10.70 -21.73
N LYS A 79 3.78 10.95 -20.51
CA LYS A 79 4.19 12.10 -19.73
C LYS A 79 5.70 12.15 -19.52
N LEU A 80 6.30 10.99 -19.28
CA LEU A 80 7.74 10.93 -19.06
C LEU A 80 8.53 11.20 -20.33
N GLN A 81 7.96 10.84 -21.48
CA GLN A 81 8.63 11.07 -22.77
C GLN A 81 8.54 12.56 -23.05
N ARG A 82 7.32 13.08 -23.00
CA ARG A 82 7.02 14.47 -23.26
C ARG A 82 7.68 15.48 -22.31
N ASP A 83 7.64 15.20 -21.01
CA ASP A 83 8.21 16.10 -20.00
C ASP A 83 9.68 15.92 -19.64
N ASN A 84 10.09 14.67 -19.42
CA ASN A 84 11.46 14.43 -18.97
C ASN A 84 12.43 13.80 -19.96
N GLY A 85 12.02 13.66 -21.22
CA GLY A 85 12.91 13.09 -22.21
C GLY A 85 13.31 11.64 -21.95
N LEU A 86 12.44 10.91 -21.25
CA LEU A 86 12.71 9.50 -20.95
C LEU A 86 11.88 8.70 -21.95
N CYS A 87 12.40 7.58 -22.43
CA CYS A 87 11.69 6.79 -23.43
C CYS A 87 10.86 5.62 -22.93
N TYR A 88 10.38 5.70 -21.69
CA TYR A 88 9.58 4.62 -21.12
C TYR A 88 8.28 4.34 -21.87
N GLY A 89 7.89 3.07 -21.84
CA GLY A 89 6.64 2.64 -22.45
C GLY A 89 5.78 2.18 -21.28
N ALA A 90 4.58 1.70 -21.55
CA ALA A 90 3.69 1.24 -20.47
C ALA A 90 4.27 0.08 -19.66
N ASP A 91 5.00 -0.81 -20.33
CA ASP A 91 5.60 -1.97 -19.66
C ASP A 91 6.62 -1.57 -18.60
N ASN A 92 7.13 -0.34 -18.68
CA ASN A 92 8.12 0.13 -17.71
C ASN A 92 7.47 0.75 -16.49
N ILE A 93 6.14 0.82 -16.47
CA ILE A 93 5.43 1.47 -15.38
C ILE A 93 4.67 0.60 -14.38
N LEU A 94 4.78 0.98 -13.10
CA LEU A 94 4.08 0.33 -12.01
C LEU A 94 3.37 1.42 -11.23
N VAL A 95 2.05 1.33 -11.13
CA VAL A 95 1.27 2.31 -10.38
C VAL A 95 1.32 1.86 -8.92
N THR A 96 1.67 2.79 -8.05
CA THR A 96 1.83 2.52 -6.63
C THR A 96 1.05 3.51 -5.77
N ASN A 97 0.96 3.21 -4.47
CA ASN A 97 0.25 4.10 -3.54
C ASN A 97 1.20 5.23 -3.16
N GLY A 98 1.25 6.24 -4.02
CA GLY A 98 2.12 7.37 -3.81
C GLY A 98 3.54 7.02 -4.20
N GLY A 99 4.40 8.03 -4.30
CA GLY A 99 5.78 7.78 -4.63
C GLY A 99 6.46 7.02 -3.49
N LYS A 100 5.85 7.04 -2.30
CA LYS A 100 6.44 6.34 -1.16
C LYS A 100 6.47 4.83 -1.39
N GLN A 101 5.37 4.27 -1.89
CA GLN A 101 5.34 2.82 -2.12
C GLN A 101 6.22 2.47 -3.32
N SER A 102 6.43 3.44 -4.20
CA SER A 102 7.28 3.22 -5.37
C SER A 102 8.71 2.98 -4.84
N ILE A 103 9.13 3.83 -3.91
CA ILE A 103 10.45 3.71 -3.31
C ILE A 103 10.53 2.43 -2.46
N PHE A 104 9.48 2.16 -1.72
CA PHE A 104 9.42 0.97 -0.86
C PHE A 104 9.53 -0.32 -1.66
N ASN A 105 8.78 -0.42 -2.75
CA ASN A 105 8.80 -1.62 -3.60
C ASN A 105 10.19 -1.80 -4.21
N LEU A 106 10.83 -0.70 -4.59
CA LEU A 106 12.18 -0.75 -5.17
C LEU A 106 13.15 -1.33 -4.13
N MET A 107 13.09 -0.80 -2.91
CA MET A 107 13.96 -1.26 -1.83
C MET A 107 13.81 -2.76 -1.59
N LEU A 108 12.57 -3.22 -1.46
CA LEU A 108 12.32 -4.63 -1.20
C LEU A 108 12.73 -5.51 -2.38
N ALA A 109 12.66 -4.95 -3.58
CA ALA A 109 13.02 -5.71 -4.77
C ALA A 109 14.53 -5.88 -4.95
N MET A 110 15.34 -4.89 -4.54
CA MET A 110 16.78 -5.02 -4.74
C MET A 110 17.72 -4.84 -3.55
N ILE A 111 17.21 -4.47 -2.38
CA ILE A 111 18.07 -4.31 -1.22
C ILE A 111 18.00 -5.51 -0.30
N GLU A 112 19.16 -6.11 -0.04
CA GLU A 112 19.24 -7.27 0.85
C GLU A 112 20.11 -6.98 2.05
N PRO A 113 19.98 -7.78 3.12
CA PRO A 113 20.77 -7.60 4.33
C PRO A 113 22.23 -7.39 3.96
N GLY A 114 22.84 -6.34 4.50
CA GLY A 114 24.23 -6.07 4.20
C GLY A 114 24.43 -5.04 3.11
N ASP A 115 23.46 -4.91 2.20
CA ASP A 115 23.57 -3.95 1.11
C ASP A 115 23.62 -2.54 1.68
N GLU A 116 24.46 -1.70 1.08
CA GLU A 116 24.59 -0.32 1.52
C GLU A 116 23.87 0.61 0.53
N VAL A 117 23.15 1.57 1.08
CA VAL A 117 22.41 2.55 0.28
C VAL A 117 22.90 3.96 0.62
N ILE A 118 23.47 4.64 -0.37
CA ILE A 118 23.96 6.00 -0.15
C ILE A 118 22.80 6.99 -0.18
N ILE A 119 22.70 7.79 0.87
CA ILE A 119 21.63 8.77 1.01
C ILE A 119 22.18 10.16 1.37
N PRO A 120 22.05 11.12 0.46
CA PRO A 120 22.54 12.48 0.74
C PRO A 120 21.70 13.12 1.83
N ALA A 121 22.35 13.80 2.77
CA ALA A 121 21.63 14.48 3.85
C ALA A 121 21.72 15.98 3.55
N PRO A 122 20.70 16.78 3.93
CA PRO A 122 19.45 16.43 4.62
C PRO A 122 18.62 15.49 3.74
N PHE A 123 18.00 14.48 4.36
CA PHE A 123 17.21 13.52 3.59
C PHE A 123 15.73 13.51 3.97
N TRP A 124 14.89 13.08 3.04
CA TRP A 124 13.46 12.95 3.30
C TRP A 124 13.46 11.95 4.46
N VAL A 125 12.67 12.20 5.49
CA VAL A 125 12.67 11.34 6.67
C VAL A 125 12.62 9.83 6.44
N SER A 126 11.74 9.37 5.55
CA SER A 126 11.59 7.95 5.29
C SER A 126 12.74 7.18 4.62
N TYR A 127 13.57 7.85 3.82
CA TYR A 127 14.64 7.13 3.13
C TYR A 127 15.42 6.12 3.98
N PRO A 128 16.08 6.57 5.06
CA PRO A 128 16.82 5.58 5.85
C PRO A 128 15.95 4.52 6.52
N GLU A 129 14.72 4.86 6.87
CA GLU A 129 13.82 3.91 7.52
C GLU A 129 13.36 2.82 6.53
N MET A 130 13.19 3.21 5.27
CA MET A 130 12.77 2.29 4.23
C MET A 130 13.93 1.36 3.91
N VAL A 131 15.15 1.90 3.91
CA VAL A 131 16.34 1.11 3.65
C VAL A 131 16.43 0.03 4.74
N LYS A 132 16.23 0.44 5.98
CA LYS A 132 16.30 -0.49 7.10
C LYS A 132 15.16 -1.51 7.09
N LEU A 133 13.99 -1.14 6.59
CA LEU A 133 12.89 -2.09 6.55
C LEU A 133 13.24 -3.20 5.55
N ALA A 134 14.08 -2.86 4.57
CA ALA A 134 14.54 -3.84 3.59
C ALA A 134 15.80 -4.49 4.13
N GLU A 135 16.14 -4.16 5.38
CA GLU A 135 17.30 -4.70 6.07
C GLU A 135 18.64 -4.26 5.47
N GLY A 136 18.65 -3.12 4.80
CA GLY A 136 19.87 -2.60 4.22
C GLY A 136 20.57 -1.66 5.18
N THR A 137 21.74 -1.17 4.79
CA THR A 137 22.52 -0.26 5.63
C THR A 137 22.64 1.11 4.98
N PRO A 138 22.03 2.13 5.58
CA PRO A 138 22.16 3.44 4.96
C PRO A 138 23.53 4.06 5.21
N VAL A 139 24.03 4.78 4.22
CA VAL A 139 25.30 5.46 4.30
C VAL A 139 24.96 6.90 3.97
N ILE A 140 24.87 7.70 5.02
CA ILE A 140 24.49 9.10 4.94
C ILE A 140 25.64 10.04 4.61
N LEU A 141 25.44 10.91 3.63
CA LEU A 141 26.45 11.89 3.22
C LEU A 141 26.07 13.28 3.70
N PRO A 142 26.80 13.81 4.68
CA PRO A 142 26.46 15.14 5.18
C PRO A 142 26.85 16.25 4.19
N THR A 143 26.07 17.32 4.20
CA THR A 143 26.33 18.48 3.35
C THR A 143 26.22 19.70 4.26
N THR A 144 26.70 20.84 3.79
CA THR A 144 26.65 22.05 4.61
C THR A 144 26.05 23.20 3.83
N VAL A 145 25.76 24.30 4.53
CA VAL A 145 25.20 25.48 3.89
C VAL A 145 26.20 25.97 2.85
N GLU A 146 27.49 25.79 3.15
CA GLU A 146 28.56 26.20 2.24
C GLU A 146 28.47 25.45 0.93
N THR A 147 28.05 24.20 0.96
CA THR A 147 27.92 23.42 -0.26
C THR A 147 26.49 23.47 -0.79
N GLN A 148 25.71 24.44 -0.33
CA GLN A 148 24.32 24.58 -0.76
C GLN A 148 23.50 23.32 -0.48
N PHE A 149 23.90 22.56 0.53
CA PHE A 149 23.20 21.33 0.91
C PHE A 149 23.15 20.31 -0.22
N LYS A 150 24.17 20.32 -1.07
CA LYS A 150 24.21 19.37 -2.18
C LYS A 150 25.49 18.57 -2.11
N VAL A 151 25.39 17.27 -2.36
CA VAL A 151 26.54 16.40 -2.35
C VAL A 151 27.25 16.53 -3.68
N SER A 152 28.56 16.27 -3.69
CA SER A 152 29.35 16.35 -4.90
C SER A 152 29.61 14.93 -5.40
N PRO A 153 29.86 14.77 -6.71
CA PRO A 153 30.12 13.41 -7.20
C PRO A 153 31.32 12.77 -6.50
N GLU A 154 32.28 13.60 -6.10
CA GLU A 154 33.47 13.09 -5.41
C GLU A 154 33.09 12.54 -4.05
N GLN A 155 32.11 13.17 -3.42
CA GLN A 155 31.65 12.73 -2.10
C GLN A 155 30.96 11.38 -2.26
N ILE A 156 30.24 11.20 -3.36
CA ILE A 156 29.54 9.95 -3.62
C ILE A 156 30.55 8.85 -3.95
N ARG A 157 31.51 9.17 -4.82
CA ARG A 157 32.53 8.20 -5.20
C ARG A 157 33.28 7.71 -3.96
N GLN A 158 33.66 8.65 -3.10
CA GLN A 158 34.39 8.32 -1.88
C GLN A 158 33.61 7.39 -0.95
N ALA A 159 32.29 7.47 -1.00
CA ALA A 159 31.44 6.66 -0.14
C ALA A 159 31.13 5.26 -0.69
N ILE A 160 31.32 5.08 -1.99
CA ILE A 160 31.04 3.79 -2.62
C ILE A 160 31.97 2.67 -2.15
N THR A 161 31.38 1.52 -1.82
CA THR A 161 32.16 0.36 -1.39
C THR A 161 31.63 -0.83 -2.20
N PRO A 162 32.25 -2.00 -2.06
CA PRO A 162 31.75 -3.15 -2.83
C PRO A 162 30.36 -3.59 -2.40
N LYS A 163 29.92 -3.13 -1.23
CA LYS A 163 28.58 -3.48 -0.74
C LYS A 163 27.52 -2.46 -1.16
N THR A 164 27.95 -1.36 -1.76
CA THR A 164 27.01 -0.33 -2.21
C THR A 164 26.12 -0.91 -3.30
N LYS A 165 24.82 -0.78 -3.12
CA LYS A 165 23.87 -1.29 -4.10
C LYS A 165 23.01 -0.20 -4.72
N LEU A 166 22.88 0.92 -4.03
CA LEU A 166 22.01 1.97 -4.54
C LEU A 166 22.31 3.38 -4.05
N LEU A 167 22.01 4.35 -4.92
CA LEU A 167 22.17 5.76 -4.60
C LEU A 167 20.78 6.40 -4.68
N VAL A 168 20.36 7.04 -3.60
CA VAL A 168 19.06 7.71 -3.60
C VAL A 168 19.33 9.16 -4.02
N PHE A 169 18.72 9.61 -5.10
CA PHE A 169 18.94 10.98 -5.58
C PHE A 169 17.65 11.76 -5.75
N ASN A 170 17.42 12.70 -4.84
CA ASN A 170 16.20 13.50 -4.81
C ASN A 170 16.40 14.96 -5.24
N THR A 171 15.77 15.35 -6.35
CA THR A 171 15.86 16.72 -6.84
C THR A 171 14.66 17.07 -7.75
N PRO A 172 13.96 18.19 -7.47
CA PRO A 172 14.22 19.12 -6.38
C PRO A 172 14.12 18.40 -5.03
N SER A 173 14.76 18.95 -4.01
CA SER A 173 14.80 18.33 -2.69
C SER A 173 13.86 18.77 -1.59
N ASN A 174 13.48 17.78 -0.79
CA ASN A 174 12.68 17.98 0.43
C ASN A 174 13.78 17.50 1.38
N PRO A 175 14.13 18.28 2.41
CA PRO A 175 13.67 19.59 2.91
C PRO A 175 14.35 20.87 2.43
N THR A 176 15.37 20.77 1.58
CA THR A 176 16.10 21.97 1.17
C THR A 176 15.56 22.83 0.03
N GLY A 177 14.69 22.25 -0.79
CA GLY A 177 14.15 23.01 -1.90
C GLY A 177 15.24 23.28 -2.94
N MET A 178 16.42 22.73 -2.71
CA MET A 178 17.52 22.91 -3.63
C MET A 178 17.31 22.12 -4.91
N VAL A 179 17.81 22.68 -6.02
CA VAL A 179 17.69 22.05 -7.33
C VAL A 179 19.09 21.80 -7.90
N TYR A 180 19.39 20.55 -8.22
CA TYR A 180 20.69 20.24 -8.82
C TYR A 180 20.54 20.61 -10.29
N THR A 181 21.49 21.37 -10.84
CA THR A 181 21.39 21.76 -12.24
C THR A 181 21.63 20.54 -13.14
N PRO A 182 21.20 20.63 -14.41
CA PRO A 182 21.41 19.50 -15.33
C PRO A 182 22.87 19.07 -15.43
N ASP A 183 23.78 20.03 -15.30
CA ASP A 183 25.21 19.69 -15.34
C ASP A 183 25.56 18.89 -14.09
N GLU A 184 24.99 19.27 -12.95
CA GLU A 184 25.27 18.57 -11.70
C GLU A 184 24.64 17.18 -11.73
N VAL A 185 23.47 17.06 -12.34
CA VAL A 185 22.78 15.78 -12.45
C VAL A 185 23.62 14.87 -13.35
N ARG A 186 24.13 15.42 -14.45
CA ARG A 186 24.95 14.64 -15.37
C ARG A 186 26.23 14.17 -14.69
N ALA A 187 26.85 15.04 -13.91
CA ALA A 187 28.08 14.69 -13.21
C ALA A 187 27.82 13.57 -12.21
N ILE A 188 26.73 13.67 -11.47
CA ILE A 188 26.42 12.63 -10.50
C ILE A 188 26.08 11.33 -11.22
N ALA A 189 25.36 11.44 -12.33
CA ALA A 189 24.98 10.28 -13.11
C ALA A 189 26.22 9.51 -13.55
N GLN A 190 27.24 10.21 -14.03
CA GLN A 190 28.45 9.55 -14.49
C GLN A 190 29.27 8.85 -13.42
N VAL A 191 29.20 9.34 -12.18
CA VAL A 191 29.92 8.68 -11.10
C VAL A 191 29.20 7.36 -10.85
N ALA A 192 27.87 7.41 -10.90
CA ALA A 192 27.07 6.22 -10.68
C ALA A 192 27.31 5.22 -11.81
N VAL A 193 27.30 5.73 -13.05
CA VAL A 193 27.53 4.88 -14.22
C VAL A 193 28.91 4.24 -14.16
N GLU A 194 29.93 5.04 -13.88
CA GLU A 194 31.29 4.52 -13.79
C GLU A 194 31.40 3.40 -12.76
N ALA A 195 30.63 3.49 -11.67
CA ALA A 195 30.67 2.47 -10.64
C ALA A 195 29.67 1.34 -10.84
N GLY A 196 28.88 1.42 -11.90
CA GLY A 196 27.88 0.39 -12.15
C GLY A 196 26.85 0.39 -11.04
N LEU A 197 26.62 1.56 -10.47
CA LEU A 197 25.68 1.73 -9.36
C LEU A 197 24.27 2.18 -9.80
N TRP A 198 23.24 1.51 -9.31
CA TRP A 198 21.86 1.88 -9.64
C TRP A 198 21.45 3.15 -8.92
N VAL A 199 20.65 3.97 -9.57
CA VAL A 199 20.21 5.22 -8.96
C VAL A 199 18.69 5.31 -8.87
N LEU A 200 18.21 5.64 -7.67
CA LEU A 200 16.78 5.82 -7.44
C LEU A 200 16.58 7.32 -7.57
N SER A 201 15.92 7.73 -8.64
CA SER A 201 15.67 9.15 -8.88
C SER A 201 14.31 9.59 -8.37
N ASP A 202 14.29 10.27 -7.23
CA ASP A 202 13.05 10.77 -6.63
C ASP A 202 12.78 12.13 -7.26
N GLU A 203 11.91 12.15 -8.26
CA GLU A 203 11.60 13.36 -9.00
C GLU A 203 10.24 13.97 -8.71
N ILE A 204 9.65 13.64 -7.57
CA ILE A 204 8.33 14.14 -7.22
C ILE A 204 8.09 15.65 -7.37
N TYR A 205 9.12 16.46 -7.14
CA TYR A 205 8.98 17.93 -7.23
C TYR A 205 9.40 18.53 -8.57
N GLU A 206 9.65 17.68 -9.55
CA GLU A 206 10.09 18.10 -10.88
C GLU A 206 9.40 19.32 -11.52
N LYS A 207 8.11 19.51 -11.30
CA LYS A 207 7.38 20.62 -11.90
C LYS A 207 7.41 21.92 -11.11
N ILE A 208 7.64 21.83 -9.80
CA ILE A 208 7.67 23.02 -8.94
C ILE A 208 9.06 23.67 -8.94
N LEU A 209 9.29 24.51 -9.95
CA LEU A 209 10.57 25.21 -10.12
C LEU A 209 10.41 26.74 -10.13
N TYR A 210 11.49 27.45 -9.84
CA TYR A 210 11.47 28.92 -9.80
C TYR A 210 12.68 29.50 -10.52
N ASP A 211 12.73 30.83 -10.62
CA ASP A 211 13.81 31.54 -11.29
C ASP A 211 14.31 30.75 -12.48
N ASP A 212 13.37 30.23 -13.25
CA ASP A 212 13.63 29.41 -14.42
C ASP A 212 14.69 28.32 -14.22
N ALA A 213 14.62 27.65 -13.08
CA ALA A 213 15.53 26.56 -12.77
C ALA A 213 15.12 25.44 -13.74
N GLN A 214 15.99 24.47 -13.95
CA GLN A 214 15.68 23.41 -14.88
C GLN A 214 15.87 22.01 -14.30
N HIS A 215 14.87 21.16 -14.46
CA HIS A 215 14.92 19.79 -13.95
C HIS A 215 15.34 18.78 -15.02
N LEU A 216 16.35 17.99 -14.69
CA LEU A 216 16.84 16.97 -15.59
C LEU A 216 16.76 15.61 -14.91
N SER A 217 16.00 14.68 -15.49
CA SER A 217 15.89 13.33 -14.92
C SER A 217 17.24 12.66 -15.11
N ILE A 218 17.76 12.04 -14.06
CA ILE A 218 19.04 11.39 -14.14
C ILE A 218 19.13 10.41 -15.30
N GLY A 219 18.04 9.68 -15.56
CA GLY A 219 18.02 8.72 -16.64
C GLY A 219 18.16 9.33 -18.02
N ALA A 220 18.00 10.65 -18.12
CA ALA A 220 18.12 11.34 -19.39
C ALA A 220 19.52 11.87 -19.60
N ALA A 221 20.41 11.62 -18.64
CA ALA A 221 21.79 12.09 -18.72
C ALA A 221 22.57 11.33 -19.81
N SER A 222 22.28 10.04 -19.95
CA SER A 222 22.94 9.21 -20.95
C SER A 222 22.27 7.83 -21.01
N PRO A 223 22.48 7.10 -22.12
CA PRO A 223 21.89 5.78 -22.26
C PRO A 223 22.31 4.85 -21.13
N GLU A 224 23.55 4.99 -20.69
CA GLU A 224 24.08 4.16 -19.62
C GLU A 224 23.33 4.39 -18.30
N ALA A 225 23.03 5.65 -18.00
CA ALA A 225 22.33 5.98 -16.76
C ALA A 225 20.90 5.47 -16.85
N TYR A 226 20.33 5.54 -18.04
CA TYR A 226 18.97 5.08 -18.28
C TYR A 226 18.86 3.57 -18.01
N GLU A 227 19.95 2.85 -18.26
CA GLU A 227 19.99 1.40 -18.03
C GLU A 227 19.89 1.02 -16.56
N ARG A 228 20.59 1.75 -15.71
CA ARG A 228 20.61 1.45 -14.28
C ARG A 228 20.03 2.53 -13.38
N SER A 229 18.85 3.00 -13.73
CA SER A 229 18.20 4.01 -12.92
C SER A 229 16.70 3.75 -12.96
N VAL A 230 15.99 4.33 -12.01
CA VAL A 230 14.56 4.19 -11.94
C VAL A 230 13.99 5.52 -11.50
N VAL A 231 12.76 5.80 -11.90
CA VAL A 231 12.11 7.03 -11.50
C VAL A 231 11.04 6.69 -10.48
N CYS A 232 11.07 7.36 -9.34
CA CYS A 232 10.07 7.20 -8.30
C CYS A 232 9.43 8.58 -8.21
N SER A 233 8.16 8.67 -8.58
CA SER A 233 7.48 9.96 -8.55
C SER A 233 5.99 9.72 -8.34
N GLY A 234 5.18 10.74 -8.62
CA GLY A 234 3.75 10.60 -8.42
C GLY A 234 3.01 11.89 -8.67
N PHE A 235 1.74 11.91 -8.30
CA PHE A 235 0.90 13.07 -8.52
C PHE A 235 0.70 13.98 -7.31
N ALA A 236 1.08 13.48 -6.14
CA ALA A 236 0.92 14.22 -4.88
C ALA A 236 1.22 15.72 -4.88
N LYS A 237 2.43 16.10 -5.26
CA LYS A 237 2.84 17.50 -5.22
C LYS A 237 2.42 18.39 -6.39
N THR A 238 2.54 17.88 -7.61
CA THR A 238 2.17 18.65 -8.78
C THR A 238 0.69 19.03 -8.82
N TYR A 239 -0.18 18.14 -8.35
CA TYR A 239 -1.62 18.38 -8.40
C TYR A 239 -2.32 18.42 -7.05
N ALA A 240 -1.57 18.61 -5.97
CA ALA A 240 -2.18 18.65 -4.65
C ALA A 240 -3.04 17.41 -4.44
N MET A 241 -2.44 16.24 -4.67
CA MET A 241 -3.13 14.96 -4.52
C MET A 241 -2.45 14.08 -3.47
N THR A 242 -1.94 14.69 -2.41
CA THR A 242 -1.26 13.95 -1.35
C THR A 242 -2.12 12.88 -0.71
N GLY A 243 -3.40 13.16 -0.52
CA GLY A 243 -4.29 12.18 0.10
C GLY A 243 -4.80 11.12 -0.86
N TRP A 244 -4.51 11.26 -2.15
CA TRP A 244 -4.97 10.29 -3.15
C TRP A 244 -4.18 8.99 -3.10
N ARG A 245 -2.89 9.11 -2.79
CA ARG A 245 -1.98 7.97 -2.71
C ARG A 245 -1.83 7.30 -4.07
N VAL A 246 -1.42 8.08 -5.06
CA VAL A 246 -1.21 7.56 -6.42
C VAL A 246 0.14 8.04 -6.90
N GLY A 247 1.05 7.09 -7.14
CA GLY A 247 2.38 7.43 -7.62
C GLY A 247 2.86 6.35 -8.57
N PHE A 248 4.14 6.31 -8.87
CA PHE A 248 4.61 5.28 -9.78
C PHE A 248 6.09 5.01 -9.75
N LEU A 249 6.45 3.85 -10.28
CA LEU A 249 7.83 3.42 -10.40
C LEU A 249 8.03 3.26 -11.91
N ALA A 250 9.12 3.79 -12.44
CA ALA A 250 9.40 3.66 -13.87
C ALA A 250 10.84 3.21 -14.02
N GLY A 251 11.05 2.10 -14.73
CA GLY A 251 12.41 1.62 -14.91
C GLY A 251 12.47 0.43 -15.84
N PRO A 252 13.61 -0.29 -15.90
CA PRO A 252 13.80 -1.46 -16.75
C PRO A 252 12.72 -2.50 -16.48
N VAL A 253 12.22 -3.14 -17.52
CA VAL A 253 11.16 -4.13 -17.36
C VAL A 253 11.39 -5.20 -16.30
N PRO A 254 12.59 -5.85 -16.30
CA PRO A 254 12.84 -6.89 -15.30
C PRO A 254 12.67 -6.39 -13.87
N LEU A 255 13.15 -5.19 -13.59
CA LEU A 255 13.03 -4.62 -12.25
C LEU A 255 11.56 -4.31 -11.95
N VAL A 256 10.88 -3.67 -12.91
CA VAL A 256 9.48 -3.32 -12.73
C VAL A 256 8.61 -4.55 -12.46
N LYS A 257 8.92 -5.64 -13.15
CA LYS A 257 8.18 -6.88 -12.96
C LYS A 257 8.38 -7.42 -11.55
N ALA A 258 9.58 -7.27 -11.01
CA ALA A 258 9.85 -7.74 -9.65
C ALA A 258 9.10 -6.87 -8.64
N ALA A 259 9.09 -5.57 -8.88
CA ALA A 259 8.40 -4.64 -8.00
C ALA A 259 6.89 -4.87 -8.08
N THR A 260 6.43 -5.29 -9.24
CA THR A 260 5.00 -5.55 -9.46
C THR A 260 4.56 -6.80 -8.68
N LYS A 261 5.45 -7.80 -8.60
CA LYS A 261 5.13 -9.02 -7.85
C LYS A 261 4.93 -8.65 -6.38
N ILE A 262 5.76 -7.74 -5.89
CA ILE A 262 5.67 -7.31 -4.51
C ILE A 262 4.38 -6.54 -4.30
N GLN A 263 4.03 -5.70 -5.27
CA GLN A 263 2.80 -4.91 -5.21
C GLN A 263 1.62 -5.86 -5.12
N GLY A 264 1.66 -6.90 -5.95
CA GLY A 264 0.59 -7.88 -5.99
C GLY A 264 0.39 -8.66 -4.70
N HIS A 265 1.46 -8.82 -3.92
CA HIS A 265 1.39 -9.55 -2.67
C HIS A 265 1.47 -8.67 -1.43
N SER A 266 1.25 -7.37 -1.60
CA SER A 266 1.30 -6.47 -0.46
C SER A 266 0.02 -5.65 -0.33
N THR A 267 -0.33 -4.91 -1.38
CA THR A 267 -1.52 -4.07 -1.37
C THR A 267 -2.47 -4.34 -2.54
N SER A 268 -2.00 -5.07 -3.55
CA SER A 268 -2.78 -5.34 -4.76
C SER A 268 -2.82 -4.01 -5.49
N ASN A 269 -3.73 -3.87 -6.47
CA ASN A 269 -3.78 -2.62 -7.21
C ASN A 269 -4.11 -1.41 -6.35
N VAL A 270 -3.77 -0.26 -6.87
CA VAL A 270 -4.02 1.02 -6.22
C VAL A 270 -5.50 1.34 -6.42
N CYS A 271 -6.12 1.95 -5.41
CA CYS A 271 -7.52 2.33 -5.46
C CYS A 271 -7.91 2.68 -6.90
N THR A 272 -8.76 1.83 -7.49
CA THR A 272 -9.19 1.99 -8.88
C THR A 272 -9.69 3.37 -9.29
N PHE A 273 -10.68 3.91 -8.59
CA PHE A 273 -11.20 5.24 -8.96
C PHE A 273 -10.22 6.37 -8.72
N ALA A 274 -9.27 6.17 -7.81
CA ALA A 274 -8.27 7.19 -7.53
C ALA A 274 -7.34 7.26 -8.73
N GLN A 275 -7.12 6.11 -9.35
CA GLN A 275 -6.26 6.03 -10.53
C GLN A 275 -6.86 6.81 -11.70
N TYR A 276 -8.19 6.78 -11.82
CA TYR A 276 -8.83 7.51 -12.91
C TYR A 276 -8.64 9.00 -12.75
N GLY A 277 -8.49 9.43 -11.50
CA GLY A 277 -8.25 10.84 -11.25
C GLY A 277 -6.86 11.20 -11.74
N ALA A 278 -5.90 10.31 -11.50
CA ALA A 278 -4.52 10.55 -11.93
C ALA A 278 -4.46 10.66 -13.45
N ILE A 279 -5.29 9.87 -14.13
CA ILE A 279 -5.35 9.92 -15.59
C ILE A 279 -5.76 11.33 -16.02
N ALA A 280 -6.80 11.86 -15.38
CA ALA A 280 -7.29 13.20 -15.71
C ALA A 280 -6.20 14.25 -15.49
N ALA A 281 -5.38 14.04 -14.46
CA ALA A 281 -4.29 14.95 -14.16
C ALA A 281 -3.34 15.11 -15.35
N TYR A 282 -2.95 14.00 -15.96
CA TYR A 282 -2.03 14.05 -17.11
C TYR A 282 -2.69 14.31 -18.46
N GLU A 283 -3.90 13.81 -18.67
CA GLU A 283 -4.62 13.98 -19.94
C GLU A 283 -5.15 15.39 -20.19
N ASN A 284 -5.54 16.09 -19.14
CA ASN A 284 -6.09 17.43 -19.26
C ASN A 284 -5.06 18.56 -19.29
N SER A 285 -5.56 19.79 -19.36
CA SER A 285 -4.70 20.97 -19.40
C SER A 285 -3.86 21.06 -18.13
N GLN A 286 -2.68 21.68 -18.25
CA GLN A 286 -1.79 21.84 -17.12
C GLN A 286 -1.84 23.25 -16.54
N ASP A 287 -2.93 23.97 -16.85
CA ASP A 287 -3.10 25.32 -16.36
C ASP A 287 -3.13 25.38 -14.83
N CYS A 288 -3.78 24.41 -14.21
CA CYS A 288 -3.88 24.36 -12.76
C CYS A 288 -2.48 24.38 -12.15
N VAL A 289 -1.56 23.66 -12.77
CA VAL A 289 -0.19 23.58 -12.28
C VAL A 289 0.50 24.95 -12.32
N GLN A 290 0.44 25.61 -13.47
CA GLN A 290 1.07 26.92 -13.62
C GLN A 290 0.50 27.95 -12.68
N GLU A 291 -0.80 27.86 -12.40
CA GLU A 291 -1.44 28.80 -11.49
C GLU A 291 -0.93 28.63 -10.08
N MET A 292 -0.94 27.38 -9.59
CA MET A 292 -0.47 27.10 -8.24
C MET A 292 0.99 27.52 -8.14
N LEU A 293 1.75 27.21 -9.19
CA LEU A 293 3.16 27.55 -9.24
C LEU A 293 3.34 29.06 -9.09
N ALA A 294 2.47 29.82 -9.75
CA ALA A 294 2.53 31.28 -9.68
C ALA A 294 2.33 31.75 -8.25
N ALA A 295 1.32 31.19 -7.58
CA ALA A 295 1.04 31.55 -6.20
C ALA A 295 2.22 31.15 -5.31
N PHE A 296 2.88 30.04 -5.66
CA PHE A 296 4.04 29.58 -4.89
C PHE A 296 5.21 30.55 -5.05
N ALA A 297 5.47 30.97 -6.29
CA ALA A 297 6.57 31.87 -6.58
C ALA A 297 6.45 33.21 -5.84
N GLU A 298 5.22 33.66 -5.62
CA GLU A 298 4.98 34.91 -4.92
C GLU A 298 5.29 34.76 -3.43
N ARG A 299 4.86 33.65 -2.85
CA ARG A 299 5.09 33.38 -1.44
C ARG A 299 6.58 33.19 -1.20
N ARG A 300 7.22 32.42 -2.07
CA ARG A 300 8.65 32.15 -1.97
C ARG A 300 9.42 33.47 -1.89
N ARG A 301 9.19 34.34 -2.86
CA ARG A 301 9.88 35.63 -2.90
C ARG A 301 9.79 36.36 -1.57
N TYR A 302 8.60 36.38 -0.98
CA TYR A 302 8.44 37.06 0.29
C TYR A 302 9.21 36.38 1.42
N MET A 303 8.99 35.08 1.59
CA MET A 303 9.68 34.37 2.66
C MET A 303 11.19 34.43 2.49
N LEU A 304 11.65 34.29 1.25
CA LEU A 304 13.08 34.32 0.97
C LEU A 304 13.72 35.64 1.38
N ASP A 305 13.07 36.75 1.04
CA ASP A 305 13.60 38.06 1.42
C ASP A 305 13.55 38.24 2.93
N ALA A 306 12.44 37.86 3.54
CA ALA A 306 12.28 37.98 4.98
C ALA A 306 13.39 37.21 5.67
N LEU A 307 13.64 36.00 5.20
CA LEU A 307 14.68 35.14 5.77
C LEU A 307 16.06 35.74 5.55
N ASN A 308 16.34 36.19 4.33
CA ASN A 308 17.62 36.79 4.00
C ASN A 308 17.92 38.03 4.83
N ALA A 309 16.86 38.68 5.32
CA ALA A 309 17.02 39.88 6.12
C ALA A 309 17.06 39.55 7.61
N MET A 310 17.20 38.26 7.91
CA MET A 310 17.24 37.82 9.30
C MET A 310 18.63 37.38 9.72
N PRO A 311 19.33 38.23 10.49
CA PRO A 311 20.67 37.86 10.94
C PRO A 311 20.48 36.69 11.90
N GLY A 312 21.46 35.80 11.94
CA GLY A 312 21.35 34.64 12.82
C GLY A 312 20.95 33.43 12.02
N LEU A 313 20.60 33.66 10.75
CA LEU A 313 20.21 32.58 9.86
C LEU A 313 21.00 32.67 8.57
N GLU A 314 21.24 31.51 7.96
CA GLU A 314 21.95 31.43 6.69
C GLU A 314 21.14 30.46 5.86
N CYS A 315 20.58 30.93 4.76
CA CYS A 315 19.75 30.08 3.93
C CYS A 315 20.10 30.10 2.43
N PRO A 316 20.65 29.00 1.90
CA PRO A 316 20.97 29.01 0.47
C PRO A 316 19.67 29.23 -0.30
N LYS A 317 19.77 29.67 -1.55
CA LYS A 317 18.59 29.93 -2.35
C LYS A 317 17.97 28.67 -2.96
N PRO A 318 16.74 28.32 -2.53
CA PRO A 318 16.06 27.14 -3.06
C PRO A 318 15.27 27.48 -4.32
N ASP A 319 15.47 26.71 -5.38
CA ASP A 319 14.76 26.96 -6.63
C ASP A 319 13.71 25.92 -6.95
N GLY A 320 13.39 25.06 -5.99
CA GLY A 320 12.39 24.03 -6.21
C GLY A 320 11.54 23.68 -5.01
N ALA A 321 10.53 22.84 -5.22
CA ALA A 321 9.62 22.44 -4.16
C ALA A 321 9.03 23.68 -3.52
N PHE A 322 8.58 23.58 -2.28
CA PHE A 322 8.04 24.73 -1.57
C PHE A 322 8.63 24.85 -0.18
N TYR A 323 9.91 24.53 -0.05
CA TYR A 323 10.61 24.58 1.23
C TYR A 323 11.83 25.49 1.26
N MET A 324 12.18 25.90 2.48
CA MET A 324 13.35 26.71 2.77
C MET A 324 14.01 25.98 3.94
N PHE A 325 15.33 25.82 3.92
CA PHE A 325 16.00 25.07 4.98
C PHE A 325 17.15 25.88 5.59
N PRO A 326 16.84 27.02 6.24
CA PRO A 326 17.88 27.86 6.83
C PRO A 326 18.61 27.23 8.03
N SER A 327 19.89 27.56 8.12
CA SER A 327 20.75 27.10 9.20
C SER A 327 20.52 28.02 10.40
N ILE A 328 20.42 27.42 11.58
CA ILE A 328 20.23 28.17 12.82
C ILE A 328 21.48 28.03 13.69
N ALA A 329 22.59 27.65 13.06
CA ALA A 329 23.86 27.45 13.76
C ALA A 329 24.26 28.62 14.65
N LYS A 330 24.04 29.85 14.18
CA LYS A 330 24.39 31.05 14.94
C LYS A 330 23.76 31.06 16.33
N THR A 331 22.60 30.44 16.47
CA THR A 331 21.91 30.42 17.77
C THR A 331 22.54 29.45 18.76
N GLY A 332 23.40 28.55 18.27
CA GLY A 332 24.02 27.59 19.15
C GLY A 332 23.02 26.64 19.77
N ARG A 333 21.86 26.48 19.13
CA ARG A 333 20.83 25.60 19.65
C ARG A 333 20.47 24.46 18.70
N SER A 334 19.94 23.39 19.28
CA SER A 334 19.50 22.24 18.50
C SER A 334 18.14 22.59 17.91
N SER A 335 17.85 22.05 16.73
CA SER A 335 16.57 22.28 16.06
C SER A 335 15.39 21.86 16.97
N LEU A 336 15.58 20.79 17.74
CA LEU A 336 14.53 20.33 18.63
C LEU A 336 14.16 21.39 19.66
N ASP A 337 15.19 22.05 20.18
CA ASP A 337 15.00 23.10 21.17
C ASP A 337 14.40 24.32 20.46
N PHE A 338 15.09 24.80 19.44
CA PHE A 338 14.66 25.96 18.66
C PHE A 338 13.19 25.88 18.21
N CYS A 339 12.83 24.82 17.49
CA CYS A 339 11.46 24.66 16.99
C CYS A 339 10.44 24.51 18.11
N SER A 340 10.85 23.86 19.18
CA SER A 340 10.00 23.64 20.34
C SER A 340 9.55 24.98 20.93
N GLU A 341 10.51 25.84 21.22
CA GLU A 341 10.22 27.14 21.83
C GLU A 341 9.54 28.13 20.90
N LEU A 342 9.91 28.10 19.62
CA LEU A 342 9.29 29.00 18.65
C LEU A 342 7.78 28.76 18.61
N LEU A 343 7.38 27.50 18.63
CA LEU A 343 5.97 27.14 18.60
C LEU A 343 5.29 27.51 19.91
N ASP A 344 5.87 27.07 21.02
CA ASP A 344 5.33 27.34 22.36
C ASP A 344 5.22 28.82 22.66
N GLN A 345 6.25 29.57 22.26
CA GLN A 345 6.30 30.99 22.54
C GLN A 345 5.70 31.94 21.51
N HIS A 346 5.74 31.56 20.23
CA HIS A 346 5.21 32.45 19.21
C HIS A 346 4.17 31.85 18.29
N GLN A 347 3.76 30.62 18.58
CA GLN A 347 2.76 29.93 17.78
C GLN A 347 3.14 29.86 16.30
N VAL A 348 4.42 29.61 16.04
CA VAL A 348 4.91 29.48 14.67
C VAL A 348 5.43 28.05 14.54
N ALA A 349 4.89 27.30 13.59
CA ALA A 349 5.30 25.92 13.39
C ALA A 349 6.30 25.73 12.27
N THR A 350 7.40 25.04 12.60
CA THR A 350 8.48 24.71 11.67
C THR A 350 8.94 23.30 12.04
N VAL A 351 9.59 22.60 11.11
CA VAL A 351 10.05 21.24 11.38
C VAL A 351 11.55 21.21 11.71
N PRO A 352 11.91 20.58 12.84
CA PRO A 352 13.31 20.47 13.27
C PRO A 352 14.14 19.79 12.20
N GLY A 353 15.28 20.38 11.85
CA GLY A 353 16.15 19.79 10.85
C GLY A 353 16.67 18.43 11.27
N ALA A 354 16.65 18.16 12.58
CA ALA A 354 17.13 16.88 13.08
C ALA A 354 16.39 15.71 12.44
N ALA A 355 15.13 15.92 12.09
CA ALA A 355 14.34 14.87 11.47
C ALA A 355 14.94 14.45 10.13
N PHE A 356 15.61 15.40 9.47
CA PHE A 356 16.19 15.12 8.17
C PHE A 356 17.70 14.91 8.24
N GLY A 357 18.19 14.65 9.45
CA GLY A 357 19.61 14.42 9.62
C GLY A 357 20.46 15.68 9.71
N ALA A 358 19.85 16.84 9.99
CA ALA A 358 20.58 18.11 10.11
C ALA A 358 20.00 18.95 11.25
N ASP A 359 20.46 18.65 12.47
CA ASP A 359 20.03 19.30 13.69
C ASP A 359 20.32 20.80 13.76
N ASP A 360 21.15 21.31 12.88
CA ASP A 360 21.50 22.72 12.88
C ASP A 360 20.68 23.54 11.89
N CYS A 361 19.59 22.97 11.41
CA CYS A 361 18.71 23.66 10.46
C CYS A 361 17.25 23.40 10.83
N ILE A 362 16.36 24.08 10.12
CA ILE A 362 14.93 23.89 10.32
C ILE A 362 14.29 24.03 8.95
N ARG A 363 13.21 23.30 8.71
CA ARG A 363 12.54 23.39 7.42
C ARG A 363 11.31 24.29 7.52
N LEU A 364 11.19 25.20 6.57
CA LEU A 364 10.07 26.11 6.50
C LEU A 364 9.34 25.76 5.21
N SER A 365 8.01 25.77 5.26
CA SER A 365 7.19 25.49 4.10
C SER A 365 6.33 26.72 3.81
N TYR A 366 6.40 27.24 2.59
CA TYR A 366 5.58 28.40 2.28
C TYR A 366 4.31 28.04 1.51
N ALA A 367 3.78 26.86 1.80
CA ALA A 367 2.56 26.39 1.16
C ALA A 367 1.37 26.91 1.96
N THR A 368 1.34 28.21 2.19
CA THR A 368 0.26 28.85 2.93
C THR A 368 0.04 30.24 2.36
N ASP A 369 -1.02 30.93 2.82
CA ASP A 369 -1.32 32.27 2.31
C ASP A 369 -0.27 33.31 2.69
N LEU A 370 -0.16 34.34 1.87
CA LEU A 370 0.82 35.42 2.10
C LEU A 370 0.70 36.12 3.45
N ASP A 371 -0.51 36.35 3.92
CA ASP A 371 -0.68 37.02 5.21
C ASP A 371 -0.10 36.19 6.35
N THR A 372 -0.29 34.88 6.28
CA THR A 372 0.24 33.99 7.31
C THR A 372 1.76 34.06 7.29
N ILE A 373 2.33 34.17 6.09
CA ILE A 373 3.77 34.24 5.92
C ILE A 373 4.37 35.52 6.53
N LYS A 374 3.83 36.68 6.17
CA LYS A 374 4.36 37.92 6.72
C LYS A 374 4.23 37.98 8.24
N ARG A 375 3.09 37.52 8.76
CA ARG A 375 2.86 37.50 10.20
C ARG A 375 3.84 36.54 10.89
N GLY A 376 3.95 35.34 10.33
CA GLY A 376 4.84 34.34 10.89
C GLY A 376 6.30 34.74 10.85
N MET A 377 6.72 35.39 9.77
CA MET A 377 8.09 35.82 9.65
C MET A 377 8.42 36.92 10.64
N GLU A 378 7.43 37.73 11.03
CA GLU A 378 7.65 38.79 12.00
C GLU A 378 7.82 38.18 13.39
N ARG A 379 7.08 37.11 13.66
CA ARG A 379 7.17 36.43 14.94
C ARG A 379 8.52 35.73 15.06
N LEU A 380 8.97 35.16 13.94
CA LEU A 380 10.24 34.46 13.89
C LEU A 380 11.40 35.42 14.19
N GLU A 381 11.32 36.61 13.61
CA GLU A 381 12.35 37.61 13.82
C GLU A 381 12.44 37.96 15.32
N LYS A 382 11.29 38.15 15.94
CA LYS A 382 11.25 38.47 17.36
C LYS A 382 11.86 37.35 18.19
N PHE A 383 11.49 36.11 17.87
CA PHE A 383 12.01 34.94 18.57
C PHE A 383 13.52 34.94 18.48
N LEU A 384 14.03 35.04 17.26
CA LEU A 384 15.47 35.05 17.03
C LEU A 384 16.15 36.11 17.87
N HIS A 385 15.59 37.32 17.86
CA HIS A 385 16.15 38.42 18.61
C HIS A 385 16.27 38.05 20.10
N GLY A 386 15.26 37.37 20.61
CA GLY A 386 15.26 37.00 22.01
C GLY A 386 16.33 36.01 22.43
N ILE A 387 16.85 35.22 21.50
CA ILE A 387 17.86 34.23 21.84
C ILE A 387 19.27 34.54 21.33
N LEU A 388 19.41 35.53 20.47
CA LEU A 388 20.71 35.90 19.93
C LEU A 388 21.37 37.02 20.73
N MET B 1 22.92 -6.21 -10.37
CA MET B 1 21.86 -6.48 -11.38
C MET B 1 20.96 -7.61 -10.88
N LYS B 2 21.26 -8.11 -9.68
CA LYS B 2 20.48 -9.19 -9.09
C LYS B 2 19.44 -8.67 -8.11
N LEU B 3 18.25 -9.25 -8.19
CA LEU B 3 17.15 -8.86 -7.31
C LEU B 3 17.38 -9.46 -5.93
N ALA B 4 16.71 -8.88 -4.93
CA ALA B 4 16.83 -9.38 -3.57
C ALA B 4 16.27 -10.80 -3.53
N ALA B 5 16.87 -11.64 -2.69
CA ALA B 5 16.45 -13.03 -2.54
C ALA B 5 14.97 -13.16 -2.19
N ARG B 6 14.48 -12.26 -1.33
CA ARG B 6 13.08 -12.33 -0.91
C ARG B 6 12.09 -12.28 -2.06
N VAL B 7 12.37 -11.47 -3.08
CA VAL B 7 11.47 -11.39 -4.23
C VAL B 7 11.71 -12.51 -5.22
N GLU B 8 12.95 -13.00 -5.29
CA GLU B 8 13.27 -14.10 -6.19
C GLU B 8 12.62 -15.40 -5.72
N SER B 9 12.35 -15.49 -4.42
CA SER B 9 11.73 -16.68 -3.85
C SER B 9 10.22 -16.75 -4.09
N VAL B 10 9.61 -15.62 -4.46
CA VAL B 10 8.18 -15.61 -4.71
C VAL B 10 7.85 -16.45 -5.95
N SER B 11 6.90 -17.36 -5.79
CA SER B 11 6.49 -18.26 -6.87
C SER B 11 5.70 -17.56 -7.98
N PRO B 12 5.92 -17.98 -9.23
CA PRO B 12 5.21 -17.37 -10.35
C PRO B 12 3.78 -17.89 -10.32
N SER B 13 2.84 -17.14 -10.89
CA SER B 13 1.44 -17.57 -10.89
C SER B 13 1.29 -18.84 -11.70
N MET B 14 0.46 -19.76 -11.20
CA MET B 14 0.20 -21.02 -11.88
C MET B 14 -0.96 -20.93 -12.86
N THR B 15 -1.66 -19.81 -12.85
CA THR B 15 -2.81 -19.62 -13.73
C THR B 15 -2.56 -18.60 -14.85
N LEU B 16 -1.29 -18.34 -15.14
CA LEU B 16 -0.94 -17.38 -16.18
C LEU B 16 -1.48 -17.78 -17.56
N ILE B 17 -1.16 -19.00 -17.99
CA ILE B 17 -1.59 -19.48 -19.30
C ILE B 17 -3.10 -19.63 -19.45
N ILE B 18 -3.77 -20.23 -18.47
CA ILE B 18 -5.21 -20.40 -18.59
C ILE B 18 -5.94 -19.05 -18.55
N ASP B 19 -5.42 -18.11 -17.77
CA ASP B 19 -6.04 -16.78 -17.70
C ASP B 19 -5.89 -16.07 -19.05
N ALA B 20 -4.72 -16.22 -19.66
CA ALA B 20 -4.48 -15.61 -20.97
C ALA B 20 -5.38 -16.23 -22.02
N LYS B 21 -5.54 -17.55 -21.97
CA LYS B 21 -6.39 -18.22 -22.95
C LYS B 21 -7.83 -17.73 -22.83
N ALA B 22 -8.33 -17.65 -21.60
CA ALA B 22 -9.68 -17.19 -21.37
C ALA B 22 -9.84 -15.76 -21.88
N LYS B 23 -8.86 -14.92 -21.60
CA LYS B 23 -8.92 -13.53 -22.05
C LYS B 23 -9.00 -13.46 -23.57
N ALA B 24 -8.15 -14.22 -24.26
CA ALA B 24 -8.12 -14.24 -25.71
C ALA B 24 -9.42 -14.76 -26.32
N MET B 25 -9.98 -15.80 -25.71
CA MET B 25 -11.23 -16.38 -26.20
C MET B 25 -12.33 -15.33 -26.16
N LYS B 26 -12.38 -14.56 -25.07
CA LYS B 26 -13.39 -13.53 -24.92
C LYS B 26 -13.18 -12.40 -25.93
N ALA B 27 -11.92 -12.07 -26.20
CA ALA B 27 -11.61 -11.00 -27.14
C ALA B 27 -12.11 -11.37 -28.54
N GLU B 28 -12.20 -12.67 -28.82
CA GLU B 28 -12.67 -13.19 -30.10
C GLU B 28 -14.19 -13.30 -30.14
N GLY B 29 -14.83 -13.14 -28.99
CA GLY B 29 -16.28 -13.23 -28.95
C GLY B 29 -16.79 -14.64 -28.70
N ILE B 30 -15.94 -15.49 -28.13
CA ILE B 30 -16.35 -16.86 -27.83
C ILE B 30 -17.22 -16.81 -26.57
N ASP B 31 -18.29 -17.60 -26.56
CA ASP B 31 -19.21 -17.63 -25.43
C ASP B 31 -18.67 -18.43 -24.25
N VAL B 32 -18.02 -17.73 -23.32
CA VAL B 32 -17.44 -18.36 -22.13
C VAL B 32 -18.23 -18.09 -20.85
N CYS B 33 -18.43 -19.15 -20.06
CA CYS B 33 -19.10 -19.04 -18.78
C CYS B 33 -17.97 -19.05 -17.76
N SER B 34 -17.77 -17.94 -17.07
CA SER B 34 -16.68 -17.86 -16.11
C SER B 34 -17.09 -17.95 -14.65
N PHE B 35 -16.34 -18.77 -13.90
CA PHE B 35 -16.56 -18.97 -12.47
C PHE B 35 -15.22 -18.80 -11.74
N SER B 36 -14.34 -17.99 -12.33
CA SER B 36 -13.01 -17.77 -11.76
C SER B 36 -12.89 -16.52 -10.89
N ALA B 37 -13.88 -15.64 -10.95
CA ALA B 37 -13.85 -14.39 -10.20
C ALA B 37 -13.60 -14.54 -8.70
N GLY B 38 -12.81 -13.61 -8.15
CA GLY B 38 -12.50 -13.64 -6.74
C GLY B 38 -13.11 -12.43 -6.04
N GLU B 39 -14.15 -11.87 -6.63
CA GLU B 39 -14.81 -10.69 -6.06
C GLU B 39 -16.30 -10.71 -6.36
N PRO B 40 -17.10 -10.02 -5.54
CA PRO B 40 -18.55 -9.98 -5.75
C PRO B 40 -18.83 -9.36 -7.12
N ASP B 41 -19.98 -9.67 -7.69
CA ASP B 41 -20.38 -9.13 -8.99
C ASP B 41 -21.21 -7.85 -8.80
N PHE B 42 -21.64 -7.60 -7.57
CA PHE B 42 -22.45 -6.43 -7.24
C PHE B 42 -21.65 -5.13 -7.27
N ASN B 43 -22.35 -4.02 -7.45
CA ASN B 43 -21.70 -2.72 -7.42
C ASN B 43 -21.60 -2.37 -5.95
N THR B 44 -20.72 -1.43 -5.62
CA THR B 44 -20.59 -0.98 -4.24
C THR B 44 -21.92 -0.31 -3.91
N PRO B 45 -22.46 -0.51 -2.70
CA PRO B 45 -23.74 0.15 -2.39
C PRO B 45 -23.67 1.66 -2.63
N LYS B 46 -24.74 2.22 -3.18
CA LYS B 46 -24.83 3.64 -3.48
C LYS B 46 -24.48 4.62 -2.35
N HIS B 47 -24.93 4.34 -1.13
CA HIS B 47 -24.64 5.26 -0.02
C HIS B 47 -23.17 5.30 0.32
N ILE B 48 -22.45 4.22 0.01
CA ILE B 48 -21.01 4.19 0.27
C ILE B 48 -20.34 4.98 -0.84
N VAL B 49 -20.83 4.80 -2.06
CA VAL B 49 -20.28 5.55 -3.20
C VAL B 49 -20.49 7.04 -2.99
N GLU B 50 -21.69 7.40 -2.54
CA GLU B 50 -22.03 8.81 -2.32
C GLU B 50 -21.18 9.46 -1.24
N ALA B 51 -20.91 8.72 -0.16
CA ALA B 51 -20.08 9.25 0.91
C ALA B 51 -18.71 9.63 0.38
N ALA B 52 -18.16 8.78 -0.48
CA ALA B 52 -16.84 9.01 -1.07
C ALA B 52 -16.84 10.24 -1.97
N LYS B 53 -17.90 10.39 -2.77
CA LYS B 53 -17.99 11.55 -3.66
C LYS B 53 -18.12 12.82 -2.83
N ALA B 54 -18.83 12.72 -1.71
CA ALA B 54 -19.03 13.86 -0.83
C ALA B 54 -17.71 14.26 -0.18
N ALA B 55 -16.94 13.27 0.28
CA ALA B 55 -15.65 13.54 0.89
C ALA B 55 -14.74 14.23 -0.13
N LEU B 56 -14.79 13.77 -1.37
CA LEU B 56 -14.00 14.35 -2.45
C LEU B 56 -14.36 15.83 -2.65
N GLU B 57 -15.65 16.11 -2.60
CA GLU B 57 -16.16 17.47 -2.77
C GLU B 57 -15.82 18.33 -1.55
N GLN B 58 -15.74 17.70 -0.39
CA GLN B 58 -15.44 18.40 0.84
C GLN B 58 -13.93 18.62 1.03
N GLY B 59 -13.15 18.20 0.04
CA GLY B 59 -11.70 18.38 0.12
C GLY B 59 -10.93 17.39 0.97
N LYS B 60 -11.50 16.21 1.23
CA LYS B 60 -10.81 15.19 2.02
C LYS B 60 -9.85 14.49 1.07
N THR B 61 -8.84 15.24 0.63
CA THR B 61 -7.86 14.75 -0.32
C THR B 61 -6.42 14.96 0.15
N ARG B 62 -6.23 15.19 1.44
CA ARG B 62 -4.91 15.43 1.98
C ARG B 62 -4.36 14.27 2.79
N TYR B 63 -3.11 14.39 3.22
CA TYR B 63 -2.48 13.36 4.03
C TYR B 63 -3.30 13.24 5.31
N GLY B 64 -3.20 12.08 5.96
CA GLY B 64 -3.92 11.87 7.20
C GLY B 64 -3.02 11.05 8.11
N PRO B 65 -3.43 10.73 9.34
CA PRO B 65 -2.53 9.93 10.16
C PRO B 65 -2.27 8.56 9.52
N ALA B 66 -1.06 8.05 9.67
CA ALA B 66 -0.70 6.76 9.08
C ALA B 66 -1.58 5.62 9.53
N ALA B 67 -2.07 5.68 10.77
CA ALA B 67 -2.93 4.62 11.30
C ALA B 67 -4.34 4.66 10.73
N GLY B 68 -4.67 5.75 10.06
CA GLY B 68 -6.00 5.90 9.48
C GLY B 68 -6.81 7.03 10.10
N GLU B 69 -7.92 7.39 9.46
CA GLU B 69 -8.77 8.46 9.96
C GLU B 69 -9.34 8.05 11.31
N PRO B 70 -9.17 8.92 12.33
CA PRO B 70 -9.69 8.59 13.66
C PRO B 70 -11.14 8.14 13.65
N ARG B 71 -11.96 8.76 12.80
CA ARG B 71 -13.36 8.42 12.70
C ARG B 71 -13.57 6.99 12.20
N LEU B 72 -12.67 6.50 11.34
CA LEU B 72 -12.80 5.14 10.82
C LEU B 72 -12.25 4.13 11.83
N ARG B 73 -11.14 4.47 12.48
CA ARG B 73 -10.57 3.57 13.48
C ARG B 73 -11.61 3.35 14.59
N GLU B 74 -12.36 4.40 14.90
CA GLU B 74 -13.39 4.32 15.92
C GLU B 74 -14.54 3.43 15.43
N ALA B 75 -15.00 3.69 14.21
CA ALA B 75 -16.09 2.91 13.65
C ALA B 75 -15.74 1.43 13.61
N ILE B 76 -14.49 1.13 13.23
CA ILE B 76 -14.04 -0.25 13.16
C ILE B 76 -14.04 -0.88 14.56
N ALA B 77 -13.46 -0.19 15.52
CA ALA B 77 -13.42 -0.69 16.90
C ALA B 77 -14.83 -1.01 17.39
N GLN B 78 -15.75 -0.08 17.19
CA GLN B 78 -17.14 -0.28 17.63
C GLN B 78 -17.80 -1.48 16.95
N LYS B 79 -17.49 -1.67 15.66
CA LYS B 79 -18.02 -2.78 14.89
C LYS B 79 -17.52 -4.12 15.42
N LEU B 80 -16.23 -4.18 15.75
CA LEU B 80 -15.65 -5.41 16.26
C LEU B 80 -16.22 -5.78 17.63
N GLN B 81 -16.53 -4.77 18.43
CA GLN B 81 -17.11 -5.04 19.75
C GLN B 81 -18.54 -5.55 19.58
N ARG B 82 -19.30 -4.83 18.76
CA ARG B 82 -20.69 -5.14 18.48
C ARG B 82 -20.95 -6.47 17.74
N ASP B 83 -20.20 -6.71 16.67
CA ASP B 83 -20.40 -7.94 15.89
C ASP B 83 -19.62 -9.16 16.35
N ASN B 84 -18.34 -8.97 16.67
CA ASN B 84 -17.49 -10.08 17.04
C ASN B 84 -17.17 -10.28 18.52
N GLY B 85 -17.70 -9.41 19.37
CA GLY B 85 -17.43 -9.56 20.80
C GLY B 85 -15.96 -9.35 21.13
N LEU B 86 -15.28 -8.52 20.35
CA LEU B 86 -13.86 -8.24 20.57
C LEU B 86 -13.74 -6.84 21.18
N CYS B 87 -13.19 -6.78 22.38
CA CYS B 87 -13.03 -5.51 23.09
C CYS B 87 -11.83 -4.70 22.61
N TYR B 88 -12.00 -4.01 21.50
CA TYR B 88 -10.92 -3.18 20.94
C TYR B 88 -11.27 -1.71 21.04
N GLY B 89 -10.23 -0.88 21.01
CA GLY B 89 -10.42 0.55 21.02
C GLY B 89 -9.80 1.04 19.73
N ALA B 90 -9.94 2.33 19.43
CA ALA B 90 -9.39 2.88 18.20
C ALA B 90 -7.87 2.66 18.14
N ASP B 91 -7.23 2.66 19.30
CA ASP B 91 -5.80 2.46 19.41
C ASP B 91 -5.36 1.06 18.99
N ASN B 92 -6.32 0.13 18.94
CA ASN B 92 -6.05 -1.25 18.56
C ASN B 92 -6.18 -1.50 17.07
N ILE B 93 -6.57 -0.50 16.29
CA ILE B 93 -6.74 -0.75 14.86
C ILE B 93 -5.89 0.12 13.94
N LEU B 94 -5.50 -0.49 12.82
CA LEU B 94 -4.71 0.16 11.78
C LEU B 94 -5.43 0.03 10.45
N VAL B 95 -5.67 1.15 9.77
CA VAL B 95 -6.35 1.12 8.48
C VAL B 95 -5.30 0.85 7.40
N THR B 96 -5.57 -0.15 6.57
CA THR B 96 -4.63 -0.55 5.52
C THR B 96 -5.27 -0.62 4.14
N ASN B 97 -4.43 -0.83 3.13
CA ASN B 97 -4.94 -0.95 1.77
C ASN B 97 -5.43 -2.37 1.57
N GLY B 98 -6.66 -2.61 2.02
CA GLY B 98 -7.26 -3.92 1.91
C GLY B 98 -6.79 -4.85 3.00
N GLY B 99 -7.46 -5.99 3.14
CA GLY B 99 -7.04 -6.94 4.15
C GLY B 99 -5.67 -7.46 3.77
N LYS B 100 -5.34 -7.36 2.50
CA LYS B 100 -4.04 -7.83 2.03
C LYS B 100 -2.88 -7.10 2.72
N GLN B 101 -2.93 -5.75 2.75
CA GLN B 101 -1.85 -5.01 3.40
C GLN B 101 -1.84 -5.29 4.90
N SER B 102 -3.00 -5.51 5.48
CA SER B 102 -3.09 -5.81 6.90
C SER B 102 -2.24 -7.03 7.19
N ILE B 103 -2.44 -8.07 6.38
CA ILE B 103 -1.71 -9.31 6.52
C ILE B 103 -0.22 -9.09 6.26
N PHE B 104 0.08 -8.34 5.21
CA PHE B 104 1.46 -8.03 4.84
C PHE B 104 2.19 -7.27 5.95
N ASN B 105 1.55 -6.26 6.53
CA ASN B 105 2.18 -5.48 7.60
C ASN B 105 2.44 -6.34 8.83
N LEU B 106 1.53 -7.26 9.12
CA LEU B 106 1.68 -8.16 10.25
C LEU B 106 2.91 -9.03 10.05
N MET B 107 3.05 -9.59 8.85
CA MET B 107 4.19 -10.45 8.52
C MET B 107 5.52 -9.73 8.72
N LEU B 108 5.65 -8.54 8.13
CA LEU B 108 6.89 -7.76 8.26
C LEU B 108 7.18 -7.35 9.70
N ALA B 109 6.12 -7.19 10.50
CA ALA B 109 6.30 -6.78 11.89
C ALA B 109 6.69 -7.94 12.80
N MET B 110 6.22 -9.14 12.47
CA MET B 110 6.45 -10.33 13.31
C MET B 110 7.38 -11.41 12.79
N ILE B 111 7.47 -11.56 11.47
CA ILE B 111 8.27 -12.63 10.91
C ILE B 111 9.70 -12.28 10.52
N GLU B 112 10.65 -12.99 11.13
CA GLU B 112 12.07 -12.79 10.86
C GLU B 112 12.56 -13.96 10.03
N PRO B 113 13.71 -13.80 9.36
CA PRO B 113 14.26 -14.87 8.53
C PRO B 113 14.32 -16.17 9.34
N GLY B 114 13.79 -17.24 8.77
CA GLY B 114 13.81 -18.51 9.46
C GLY B 114 12.52 -18.90 10.15
N ASP B 115 11.77 -17.91 10.64
CA ASP B 115 10.51 -18.21 11.33
C ASP B 115 9.57 -19.01 10.42
N GLU B 116 8.84 -19.95 11.01
CA GLU B 116 7.89 -20.76 10.25
C GLU B 116 6.49 -20.25 10.53
N VAL B 117 5.67 -20.25 9.49
CA VAL B 117 4.28 -19.81 9.60
C VAL B 117 3.42 -20.96 9.13
N ILE B 118 2.57 -21.46 10.02
CA ILE B 118 1.71 -22.58 9.68
C ILE B 118 0.55 -22.06 8.84
N ILE B 119 0.36 -22.68 7.67
CA ILE B 119 -0.71 -22.29 6.77
C ILE B 119 -1.52 -23.49 6.29
N PRO B 120 -2.73 -23.67 6.84
CA PRO B 120 -3.51 -24.81 6.37
C PRO B 120 -3.92 -24.66 4.91
N ALA B 121 -3.93 -25.78 4.20
CA ALA B 121 -4.33 -25.79 2.80
C ALA B 121 -5.70 -26.48 2.70
N PRO B 122 -6.48 -26.15 1.65
CA PRO B 122 -6.12 -25.17 0.61
C PRO B 122 -6.03 -23.78 1.20
N PHE B 123 -5.13 -22.97 0.66
CA PHE B 123 -4.90 -21.63 1.15
C PHE B 123 -5.08 -20.54 0.10
N TRP B 124 -5.38 -19.33 0.58
CA TRP B 124 -5.53 -18.16 -0.28
C TRP B 124 -4.14 -18.06 -0.92
N VAL B 125 -4.10 -17.86 -2.25
CA VAL B 125 -2.85 -17.81 -2.99
C VAL B 125 -1.69 -16.99 -2.42
N SER B 126 -1.95 -15.78 -1.97
CA SER B 126 -0.89 -14.92 -1.45
C SER B 126 -0.24 -15.28 -0.12
N TYR B 127 -0.93 -16.04 0.74
CA TYR B 127 -0.36 -16.38 2.06
C TYR B 127 1.11 -16.82 2.07
N PRO B 128 1.45 -17.92 1.37
CA PRO B 128 2.86 -18.32 1.41
C PRO B 128 3.81 -17.33 0.75
N GLU B 129 3.33 -16.59 -0.24
CA GLU B 129 4.17 -15.62 -0.91
C GLU B 129 4.48 -14.46 0.02
N MET B 130 3.49 -14.03 0.80
CA MET B 130 3.68 -12.95 1.74
C MET B 130 4.65 -13.39 2.84
N VAL B 131 4.51 -14.63 3.31
CA VAL B 131 5.40 -15.15 4.33
C VAL B 131 6.83 -15.10 3.79
N LYS B 132 7.00 -15.45 2.52
CA LYS B 132 8.33 -15.43 1.92
C LYS B 132 8.91 -14.03 1.73
N LEU B 133 8.06 -13.04 1.45
CA LEU B 133 8.53 -11.67 1.30
C LEU B 133 9.08 -11.17 2.63
N ALA B 134 8.63 -11.81 3.71
CA ALA B 134 9.07 -11.46 5.06
C ALA B 134 10.22 -12.38 5.46
N GLU B 135 10.67 -13.17 4.50
CA GLU B 135 11.77 -14.11 4.69
C GLU B 135 11.46 -15.25 5.65
N GLY B 136 10.19 -15.60 5.76
CA GLY B 136 9.81 -16.68 6.66
C GLY B 136 9.67 -17.97 5.88
N THR B 137 9.40 -19.06 6.58
CA THR B 137 9.24 -20.36 5.94
C THR B 137 7.80 -20.86 6.08
N PRO B 138 7.09 -20.98 4.95
CA PRO B 138 5.71 -21.44 4.99
C PRO B 138 5.67 -22.92 5.32
N VAL B 139 4.81 -23.30 6.25
CA VAL B 139 4.62 -24.69 6.65
C VAL B 139 3.18 -25.00 6.29
N ILE B 140 3.00 -25.73 5.19
CA ILE B 140 1.68 -26.08 4.68
C ILE B 140 1.08 -27.33 5.31
N LEU B 141 -0.12 -27.19 5.87
CA LEU B 141 -0.84 -28.30 6.50
C LEU B 141 -1.94 -28.73 5.54
N PRO B 142 -1.75 -29.87 4.85
CA PRO B 142 -2.76 -30.35 3.91
C PRO B 142 -4.01 -30.89 4.57
N THR B 143 -5.13 -30.81 3.87
CA THR B 143 -6.40 -31.32 4.35
C THR B 143 -7.04 -32.07 3.19
N THR B 144 -8.15 -32.76 3.44
CA THR B 144 -8.80 -33.52 2.38
C THR B 144 -10.31 -33.28 2.34
N VAL B 145 -10.92 -33.60 1.20
CA VAL B 145 -12.37 -33.43 1.07
C VAL B 145 -13.04 -34.24 2.17
N GLU B 146 -12.40 -35.33 2.56
CA GLU B 146 -12.94 -36.20 3.60
C GLU B 146 -13.00 -35.52 4.97
N THR B 147 -12.23 -34.46 5.15
CA THR B 147 -12.21 -33.74 6.41
C THR B 147 -12.84 -32.36 6.24
N GLN B 148 -13.61 -32.20 5.16
CA GLN B 148 -14.26 -30.92 4.89
C GLN B 148 -13.22 -29.82 4.75
N PHE B 149 -12.01 -30.18 4.32
CA PHE B 149 -10.93 -29.22 4.14
C PHE B 149 -10.61 -28.45 5.41
N LYS B 150 -10.76 -29.10 6.56
CA LYS B 150 -10.48 -28.45 7.83
C LYS B 150 -9.31 -29.11 8.54
N VAL B 151 -8.45 -28.29 9.12
CA VAL B 151 -7.30 -28.79 9.85
C VAL B 151 -7.78 -29.07 11.27
N SER B 152 -7.22 -30.08 11.90
CA SER B 152 -7.61 -30.44 13.27
C SER B 152 -6.63 -29.82 14.25
N PRO B 153 -7.06 -29.65 15.52
CA PRO B 153 -6.15 -29.06 16.49
C PRO B 153 -4.90 -29.93 16.69
N GLU B 154 -5.05 -31.24 16.58
CA GLU B 154 -3.91 -32.15 16.74
C GLU B 154 -2.97 -31.99 15.56
N GLN B 155 -3.52 -31.69 14.39
CA GLN B 155 -2.70 -31.52 13.21
C GLN B 155 -1.84 -30.26 13.39
N ILE B 156 -2.41 -29.23 13.99
CA ILE B 156 -1.67 -28.00 14.23
C ILE B 156 -0.59 -28.24 15.27
N ARG B 157 -0.96 -28.91 16.36
CA ARG B 157 -0.03 -29.20 17.44
C ARG B 157 1.21 -29.95 16.93
N GLN B 158 1.00 -30.92 16.05
CA GLN B 158 2.08 -31.70 15.49
C GLN B 158 3.05 -30.89 14.61
N ALA B 159 2.52 -29.88 13.93
CA ALA B 159 3.34 -29.06 13.04
C ALA B 159 4.14 -27.98 13.76
N ILE B 160 3.86 -27.77 15.03
CA ILE B 160 4.57 -26.76 15.80
C ILE B 160 6.01 -27.18 16.08
N THR B 161 6.94 -26.29 15.79
CA THR B 161 8.36 -26.54 16.03
C THR B 161 8.88 -25.31 16.76
N PRO B 162 10.12 -25.38 17.27
CA PRO B 162 10.64 -24.20 17.97
C PRO B 162 10.82 -22.98 17.05
N LYS B 163 10.57 -23.17 15.75
CA LYS B 163 10.69 -22.08 14.80
C LYS B 163 9.34 -21.46 14.47
N THR B 164 8.28 -22.18 14.81
CA THR B 164 6.91 -21.73 14.56
C THR B 164 6.64 -20.41 15.25
N LYS B 165 6.30 -19.40 14.46
CA LYS B 165 6.05 -18.06 14.98
C LYS B 165 4.60 -17.61 14.78
N LEU B 166 3.91 -18.18 13.80
CA LEU B 166 2.54 -17.77 13.54
C LEU B 166 1.68 -18.83 12.87
N LEU B 167 0.38 -18.75 13.15
CA LEU B 167 -0.61 -19.63 12.55
C LEU B 167 -1.59 -18.75 11.79
N VAL B 168 -1.80 -19.05 10.51
CA VAL B 168 -2.74 -18.30 9.70
C VAL B 168 -4.05 -19.07 9.76
N PHE B 169 -5.13 -18.41 10.18
CA PHE B 169 -6.44 -19.06 10.31
C PHE B 169 -7.54 -18.30 9.58
N ASN B 170 -7.93 -18.81 8.41
CA ASN B 170 -8.93 -18.18 7.57
C ASN B 170 -10.31 -18.87 7.59
N THR B 171 -11.29 -18.22 8.19
CA THR B 171 -12.66 -18.74 8.25
C THR B 171 -13.63 -17.57 8.27
N PRO B 172 -14.66 -17.59 7.39
CA PRO B 172 -14.89 -18.67 6.42
C PRO B 172 -13.77 -18.65 5.37
N SER B 173 -13.60 -19.75 4.67
CA SER B 173 -12.50 -19.87 3.72
C SER B 173 -12.62 -19.61 2.23
N ASN B 174 -11.53 -19.06 1.69
CA ASN B 174 -11.34 -18.84 0.26
C ASN B 174 -10.17 -19.81 0.15
N PRO B 175 -10.24 -20.79 -0.76
CA PRO B 175 -11.25 -21.14 -1.74
C PRO B 175 -12.32 -22.20 -1.41
N THR B 176 -12.33 -22.77 -0.22
CA THR B 176 -13.31 -23.82 0.06
C THR B 176 -14.71 -23.37 0.41
N GLY B 177 -14.83 -22.19 1.01
CA GLY B 177 -16.13 -21.69 1.42
C GLY B 177 -16.57 -22.39 2.69
N MET B 178 -15.65 -23.15 3.28
CA MET B 178 -15.94 -23.89 4.51
C MET B 178 -15.91 -23.00 5.74
N VAL B 179 -16.76 -23.31 6.72
CA VAL B 179 -16.84 -22.51 7.95
C VAL B 179 -16.54 -23.34 9.21
N TYR B 180 -15.54 -22.91 9.99
CA TYR B 180 -15.22 -23.63 11.21
C TYR B 180 -16.27 -23.28 12.25
N THR B 181 -16.89 -24.29 12.85
CA THR B 181 -17.92 -24.04 13.86
C THR B 181 -17.27 -23.35 15.06
N PRO B 182 -18.07 -22.63 15.87
CA PRO B 182 -17.47 -21.96 17.03
C PRO B 182 -16.74 -22.92 17.97
N ASP B 183 -17.22 -24.16 18.06
CA ASP B 183 -16.56 -25.13 18.92
C ASP B 183 -15.24 -25.53 18.28
N GLU B 184 -15.19 -25.53 16.95
CA GLU B 184 -13.98 -25.87 16.24
C GLU B 184 -12.91 -24.78 16.38
N VAL B 185 -13.34 -23.52 16.36
CA VAL B 185 -12.39 -22.42 16.49
C VAL B 185 -11.90 -22.36 17.94
N ARG B 186 -12.79 -22.64 18.89
CA ARG B 186 -12.40 -22.65 20.29
C ARG B 186 -11.34 -23.73 20.54
N ALA B 187 -11.51 -24.87 19.88
CA ALA B 187 -10.58 -25.99 20.01
C ALA B 187 -9.23 -25.66 19.38
N ILE B 188 -9.24 -24.90 18.28
CA ILE B 188 -8.01 -24.51 17.61
C ILE B 188 -7.33 -23.42 18.46
N ALA B 189 -8.12 -22.48 18.98
CA ALA B 189 -7.56 -21.42 19.81
C ALA B 189 -6.86 -22.02 21.03
N GLN B 190 -7.41 -23.13 21.54
CA GLN B 190 -6.86 -23.81 22.70
C GLN B 190 -5.44 -24.32 22.47
N VAL B 191 -5.21 -24.90 21.29
CA VAL B 191 -3.90 -25.41 20.92
C VAL B 191 -2.92 -24.24 20.80
N ALA B 192 -3.36 -23.17 20.13
CA ALA B 192 -2.53 -22.00 19.94
C ALA B 192 -2.10 -21.40 21.28
N VAL B 193 -3.08 -21.23 22.17
CA VAL B 193 -2.83 -20.66 23.48
C VAL B 193 -1.85 -21.50 24.29
N GLU B 194 -2.04 -22.82 24.26
CA GLU B 194 -1.16 -23.71 25.01
C GLU B 194 0.28 -23.60 24.51
N ALA B 195 0.45 -23.58 23.20
CA ALA B 195 1.78 -23.48 22.60
C ALA B 195 2.26 -22.04 22.58
N GLY B 196 1.43 -21.13 23.07
CA GLY B 196 1.79 -19.73 23.10
C GLY B 196 2.09 -19.12 21.73
N LEU B 197 1.45 -19.61 20.66
CA LEU B 197 1.72 -19.03 19.36
C LEU B 197 0.66 -18.02 18.91
N TRP B 198 1.11 -17.00 18.20
CA TRP B 198 0.20 -15.96 17.70
C TRP B 198 -0.64 -16.48 16.55
N VAL B 199 -1.85 -15.95 16.45
CA VAL B 199 -2.76 -16.38 15.40
C VAL B 199 -3.25 -15.18 14.59
N LEU B 200 -3.15 -15.32 13.28
CA LEU B 200 -3.63 -14.29 12.37
C LEU B 200 -5.00 -14.81 11.94
N SER B 201 -6.04 -14.12 12.38
CA SER B 201 -7.41 -14.49 12.08
C SER B 201 -7.91 -13.70 10.87
N ASP B 202 -7.96 -14.34 9.70
CA ASP B 202 -8.42 -13.70 8.47
C ASP B 202 -9.94 -13.88 8.42
N GLU B 203 -10.66 -12.83 8.81
CA GLU B 203 -12.10 -12.87 8.89
C GLU B 203 -12.85 -12.06 7.85
N ILE B 204 -12.23 -11.86 6.69
CA ILE B 204 -12.83 -11.07 5.62
C ILE B 204 -14.22 -11.50 5.15
N TYR B 205 -14.52 -12.80 5.23
CA TYR B 205 -15.83 -13.31 4.80
C TYR B 205 -16.82 -13.53 5.94
N GLU B 206 -16.51 -12.99 7.12
CA GLU B 206 -17.35 -13.15 8.30
C GLU B 206 -18.85 -12.96 8.12
N LYS B 207 -19.25 -12.03 7.25
CA LYS B 207 -20.67 -11.77 7.02
C LYS B 207 -21.33 -12.63 5.93
N ILE B 208 -20.53 -13.26 5.08
CA ILE B 208 -21.09 -14.08 4.02
C ILE B 208 -21.27 -15.49 4.56
N LEU B 209 -22.43 -15.74 5.16
CA LEU B 209 -22.75 -17.03 5.78
C LEU B 209 -24.10 -17.57 5.30
N TYR B 210 -24.27 -18.89 5.35
CA TYR B 210 -25.52 -19.53 4.91
C TYR B 210 -26.00 -20.56 5.93
N ASP B 211 -27.19 -21.11 5.67
CA ASP B 211 -27.78 -22.14 6.54
C ASP B 211 -27.49 -21.88 8.01
N ASP B 212 -27.76 -20.66 8.45
CA ASP B 212 -27.52 -20.23 9.82
C ASP B 212 -26.15 -20.64 10.39
N ALA B 213 -25.13 -20.67 9.53
CA ALA B 213 -23.78 -20.98 10.00
C ALA B 213 -23.42 -19.78 10.87
N GLN B 214 -22.50 -19.97 11.82
CA GLN B 214 -22.13 -18.87 12.70
C GLN B 214 -20.64 -18.59 12.70
N HIS B 215 -20.29 -17.31 12.69
CA HIS B 215 -18.89 -16.91 12.70
C HIS B 215 -18.41 -16.52 14.10
N LEU B 216 -17.29 -17.10 14.52
CA LEU B 216 -16.71 -16.77 15.82
C LEU B 216 -15.26 -16.36 15.64
N SER B 217 -14.94 -15.12 15.97
CA SER B 217 -13.57 -14.65 15.87
C SER B 217 -12.75 -15.46 16.87
N ILE B 218 -11.62 -16.00 16.43
CA ILE B 218 -10.80 -16.82 17.31
C ILE B 218 -10.36 -16.03 18.54
N GLY B 219 -10.24 -14.71 18.39
CA GLY B 219 -9.85 -13.88 19.52
C GLY B 219 -10.92 -13.79 20.60
N ALA B 220 -12.13 -14.24 20.27
CA ALA B 220 -13.23 -14.22 21.23
C ALA B 220 -13.37 -15.57 21.93
N ALA B 221 -12.45 -16.49 21.66
CA ALA B 221 -12.50 -17.80 22.27
C ALA B 221 -12.15 -17.74 23.76
N SER B 222 -11.27 -16.81 24.11
CA SER B 222 -10.85 -16.65 25.51
C SER B 222 -9.98 -15.42 25.63
N PRO B 223 -9.78 -14.92 26.85
CA PRO B 223 -8.93 -13.74 27.02
C PRO B 223 -7.49 -14.00 26.60
N GLU B 224 -7.04 -15.24 26.75
CA GLU B 224 -5.67 -15.58 26.35
C GLU B 224 -5.57 -15.61 24.84
N ALA B 225 -6.62 -16.08 24.17
CA ALA B 225 -6.63 -16.13 22.71
C ALA B 225 -6.61 -14.71 22.19
N TYR B 226 -7.34 -13.83 22.88
CA TYR B 226 -7.41 -12.42 22.51
C TYR B 226 -6.04 -11.74 22.59
N GLU B 227 -5.23 -12.16 23.57
CA GLU B 227 -3.90 -11.57 23.75
C GLU B 227 -2.88 -11.96 22.69
N ARG B 228 -3.06 -13.11 22.07
CA ARG B 228 -2.13 -13.61 21.05
C ARG B 228 -2.78 -13.74 19.66
N SER B 229 -3.65 -12.82 19.32
CA SER B 229 -4.30 -12.90 18.01
C SER B 229 -4.55 -11.52 17.45
N VAL B 230 -4.59 -11.45 16.12
CA VAL B 230 -4.87 -10.19 15.45
C VAL B 230 -5.92 -10.48 14.39
N VAL B 231 -6.79 -9.51 14.16
CA VAL B 231 -7.81 -9.70 13.14
C VAL B 231 -7.34 -8.97 11.88
N CYS B 232 -7.35 -9.67 10.77
CA CYS B 232 -6.99 -9.08 9.49
C CYS B 232 -8.28 -9.18 8.70
N SER B 233 -8.84 -8.04 8.32
CA SER B 233 -10.08 -8.05 7.59
C SER B 233 -10.25 -6.77 6.80
N GLY B 234 -11.48 -6.49 6.37
CA GLY B 234 -11.72 -5.29 5.59
C GLY B 234 -13.14 -5.20 5.06
N PHE B 235 -13.37 -4.24 4.16
CA PHE B 235 -14.69 -3.98 3.60
C PHE B 235 -14.94 -4.59 2.23
N ALA B 236 -13.89 -5.15 1.63
CA ALA B 236 -13.96 -5.73 0.29
C ALA B 236 -15.09 -6.71 -0.02
N LYS B 237 -15.27 -7.73 0.81
CA LYS B 237 -16.29 -8.73 0.54
C LYS B 237 -17.71 -8.39 0.99
N THR B 238 -17.82 -7.87 2.20
CA THR B 238 -19.12 -7.52 2.75
C THR B 238 -19.83 -6.43 1.94
N TYR B 239 -19.06 -5.46 1.46
CA TYR B 239 -19.62 -4.33 0.71
C TYR B 239 -19.25 -4.21 -0.76
N ALA B 240 -18.72 -5.27 -1.37
CA ALA B 240 -18.32 -5.22 -2.77
C ALA B 240 -17.46 -3.97 -2.99
N MET B 241 -16.37 -3.89 -2.21
CA MET B 241 -15.45 -2.76 -2.29
C MET B 241 -14.04 -3.25 -2.57
N THR B 242 -13.92 -4.31 -3.37
CA THR B 242 -12.61 -4.86 -3.69
C THR B 242 -11.64 -3.83 -4.25
N GLY B 243 -12.13 -2.97 -5.15
CA GLY B 243 -11.27 -1.96 -5.76
C GLY B 243 -11.00 -0.72 -4.91
N TRP B 244 -11.65 -0.60 -3.76
CA TRP B 244 -11.45 0.54 -2.89
C TRP B 244 -10.12 0.42 -2.15
N ARG B 245 -9.75 -0.82 -1.84
CA ARG B 245 -8.52 -1.11 -1.13
C ARG B 245 -8.56 -0.51 0.29
N VAL B 246 -9.56 -0.91 1.06
CA VAL B 246 -9.66 -0.44 2.45
C VAL B 246 -9.90 -1.65 3.35
N GLY B 247 -8.98 -1.85 4.29
CA GLY B 247 -9.09 -2.95 5.23
C GLY B 247 -8.51 -2.51 6.56
N PHE B 248 -8.21 -3.46 7.45
CA PHE B 248 -7.64 -3.08 8.74
C PHE B 248 -7.02 -4.23 9.49
N LEU B 249 -6.19 -3.86 10.45
CA LEU B 249 -5.53 -4.81 11.34
C LEU B 249 -5.98 -4.41 12.73
N ALA B 250 -6.41 -5.38 13.52
CA ALA B 250 -6.86 -5.11 14.88
C ALA B 250 -6.16 -6.09 15.82
N GLY B 251 -5.55 -5.56 16.86
CA GLY B 251 -4.85 -6.41 17.81
C GLY B 251 -4.23 -5.61 18.92
N PRO B 252 -3.33 -6.20 19.71
CA PRO B 252 -2.68 -5.47 20.81
C PRO B 252 -1.95 -4.23 20.34
N VAL B 253 -2.05 -3.15 21.13
CA VAL B 253 -1.42 -1.88 20.80
C VAL B 253 0.05 -2.00 20.39
N PRO B 254 0.86 -2.74 21.17
CA PRO B 254 2.28 -2.88 20.81
C PRO B 254 2.48 -3.37 19.37
N LEU B 255 1.75 -4.41 18.99
CA LEU B 255 1.87 -4.94 17.65
C LEU B 255 1.34 -3.94 16.62
N VAL B 256 0.16 -3.37 16.89
CA VAL B 256 -0.44 -2.40 16.00
C VAL B 256 0.48 -1.20 15.74
N LYS B 257 1.11 -0.70 16.80
CA LYS B 257 2.02 0.43 16.66
C LYS B 257 3.21 0.10 15.76
N ALA B 258 3.70 -1.13 15.86
CA ALA B 258 4.83 -1.59 15.04
C ALA B 258 4.36 -1.71 13.59
N ALA B 259 3.17 -2.25 13.40
CA ALA B 259 2.60 -2.42 12.07
C ALA B 259 2.33 -1.04 11.46
N THR B 260 2.01 -0.08 12.33
CA THR B 260 1.74 1.29 11.90
C THR B 260 3.01 1.98 11.43
N LYS B 261 4.13 1.66 12.07
CA LYS B 261 5.40 2.25 11.67
C LYS B 261 5.68 1.79 10.25
N ILE B 262 5.37 0.52 9.97
CA ILE B 262 5.59 -0.03 8.65
C ILE B 262 4.69 0.66 7.63
N GLN B 263 3.42 0.86 7.98
CA GLN B 263 2.48 1.53 7.10
C GLN B 263 3.01 2.93 6.73
N GLY B 264 3.45 3.68 7.74
CA GLY B 264 3.95 5.02 7.52
C GLY B 264 5.19 5.13 6.64
N HIS B 265 5.97 4.06 6.56
CA HIS B 265 7.16 4.07 5.73
C HIS B 265 7.04 3.18 4.50
N SER B 266 5.80 2.89 4.10
CA SER B 266 5.59 2.07 2.91
C SER B 266 4.57 2.71 1.97
N THR B 267 3.39 3.02 2.49
CA THR B 267 2.35 3.62 1.68
C THR B 267 1.77 4.89 2.32
N SER B 268 2.09 5.13 3.58
CA SER B 268 1.52 6.27 4.30
C SER B 268 0.04 5.91 4.47
N ASN B 269 -0.79 6.89 4.82
CA ASN B 269 -2.21 6.65 5.02
C ASN B 269 -2.95 6.16 3.78
N VAL B 270 -4.01 5.38 4.02
CA VAL B 270 -4.86 4.85 2.95
C VAL B 270 -5.63 6.03 2.32
N CYS B 271 -5.92 5.92 1.02
CA CYS B 271 -6.65 6.96 0.29
C CYS B 271 -7.72 7.58 1.18
N THR B 272 -7.55 8.86 1.48
CA THR B 272 -8.45 9.57 2.38
C THR B 272 -9.95 9.47 2.10
N PHE B 273 -10.37 9.81 0.88
CA PHE B 273 -11.80 9.76 0.56
C PHE B 273 -12.31 8.33 0.47
N ALA B 274 -11.41 7.38 0.24
CA ALA B 274 -11.83 5.99 0.17
C ALA B 274 -12.20 5.58 1.59
N GLN B 275 -11.44 6.09 2.57
CA GLN B 275 -11.70 5.77 3.97
C GLN B 275 -13.08 6.26 4.39
N TYR B 276 -13.50 7.41 3.85
CA TYR B 276 -14.82 7.94 4.20
C TYR B 276 -15.94 7.03 3.70
N GLY B 277 -15.70 6.36 2.59
CA GLY B 277 -16.70 5.44 2.07
C GLY B 277 -16.85 4.30 3.07
N ALA B 278 -15.74 3.83 3.61
CA ALA B 278 -15.74 2.75 4.58
C ALA B 278 -16.44 3.18 5.88
N ILE B 279 -16.30 4.45 6.25
CA ILE B 279 -16.96 4.95 7.44
C ILE B 279 -18.46 4.72 7.26
N ALA B 280 -18.98 5.14 6.11
CA ALA B 280 -20.39 5.00 5.78
C ALA B 280 -20.85 3.54 5.77
N ALA B 281 -19.99 2.64 5.33
CA ALA B 281 -20.33 1.23 5.27
C ALA B 281 -20.71 0.69 6.66
N TYR B 282 -19.98 1.12 7.68
CA TYR B 282 -20.25 0.69 9.05
C TYR B 282 -21.27 1.55 9.78
N GLU B 283 -21.26 2.86 9.55
CA GLU B 283 -22.18 3.77 10.22
C GLU B 283 -23.63 3.69 9.77
N ASN B 284 -23.89 3.10 8.61
CA ASN B 284 -25.27 3.02 8.12
C ASN B 284 -25.87 1.64 8.25
N SER B 285 -27.11 1.51 7.77
CA SER B 285 -27.85 0.26 7.79
C SER B 285 -27.13 -0.84 7.04
N GLN B 286 -27.29 -2.07 7.49
CA GLN B 286 -26.67 -3.22 6.85
C GLN B 286 -27.62 -3.93 5.89
N ASP B 287 -28.68 -3.24 5.49
CA ASP B 287 -29.66 -3.81 4.56
C ASP B 287 -29.01 -4.27 3.25
N CYS B 288 -28.08 -3.47 2.74
CA CYS B 288 -27.40 -3.81 1.50
C CYS B 288 -26.73 -5.18 1.60
N VAL B 289 -26.14 -5.44 2.76
CA VAL B 289 -25.44 -6.71 3.01
C VAL B 289 -26.38 -7.90 2.94
N GLN B 290 -27.52 -7.80 3.63
CA GLN B 290 -28.49 -8.89 3.62
C GLN B 290 -29.12 -9.10 2.25
N GLU B 291 -29.27 -8.02 1.49
CA GLU B 291 -29.84 -8.11 0.15
C GLU B 291 -28.86 -8.88 -0.75
N MET B 292 -27.58 -8.52 -0.67
CA MET B 292 -26.57 -9.21 -1.47
C MET B 292 -26.45 -10.67 -1.03
N LEU B 293 -26.45 -10.90 0.28
CA LEU B 293 -26.34 -12.25 0.81
C LEU B 293 -27.47 -13.13 0.31
N ALA B 294 -28.66 -12.56 0.20
CA ALA B 294 -29.84 -13.30 -0.26
C ALA B 294 -29.65 -13.77 -1.70
N ALA B 295 -29.10 -12.91 -2.56
CA ALA B 295 -28.87 -13.30 -3.95
C ALA B 295 -27.82 -14.41 -3.98
N PHE B 296 -26.76 -14.26 -3.17
CA PHE B 296 -25.71 -15.27 -3.11
C PHE B 296 -26.31 -16.61 -2.69
N ALA B 297 -27.14 -16.58 -1.65
CA ALA B 297 -27.78 -17.80 -1.15
C ALA B 297 -28.54 -18.52 -2.26
N GLU B 298 -29.20 -17.73 -3.11
CA GLU B 298 -29.98 -18.27 -4.22
C GLU B 298 -29.06 -18.94 -5.26
N ARG B 299 -27.93 -18.29 -5.54
CA ARG B 299 -26.97 -18.82 -6.50
C ARG B 299 -26.29 -20.06 -5.95
N ARG B 300 -25.98 -20.03 -4.67
CA ARG B 300 -25.32 -21.15 -3.98
C ARG B 300 -26.20 -22.38 -4.10
N ARG B 301 -27.49 -22.20 -3.81
CA ARG B 301 -28.47 -23.27 -3.90
C ARG B 301 -28.38 -23.93 -5.27
N TYR B 302 -28.49 -23.13 -6.31
CA TYR B 302 -28.44 -23.66 -7.67
C TYR B 302 -27.14 -24.40 -8.01
N MET B 303 -26.00 -23.76 -7.77
CA MET B 303 -24.73 -24.40 -8.09
C MET B 303 -24.49 -25.68 -7.27
N LEU B 304 -24.79 -25.64 -5.99
CA LEU B 304 -24.59 -26.79 -5.12
C LEU B 304 -25.41 -27.99 -5.61
N ASP B 305 -26.68 -27.76 -5.90
CA ASP B 305 -27.55 -28.81 -6.39
C ASP B 305 -27.00 -29.40 -7.69
N ALA B 306 -26.57 -28.53 -8.60
CA ALA B 306 -26.03 -28.99 -9.88
C ALA B 306 -24.75 -29.80 -9.65
N LEU B 307 -23.83 -29.25 -8.88
CA LEU B 307 -22.58 -29.94 -8.60
C LEU B 307 -22.83 -31.31 -7.96
N ASN B 308 -23.76 -31.36 -7.00
CA ASN B 308 -24.09 -32.62 -6.34
C ASN B 308 -24.67 -33.68 -7.27
N ALA B 309 -25.21 -33.26 -8.41
CA ALA B 309 -25.80 -34.21 -9.35
C ALA B 309 -24.82 -34.68 -10.41
N MET B 310 -23.59 -34.19 -10.34
CA MET B 310 -22.58 -34.57 -11.32
C MET B 310 -21.70 -35.72 -10.85
N PRO B 311 -21.28 -36.57 -11.79
CA PRO B 311 -20.42 -37.71 -11.48
C PRO B 311 -18.98 -37.23 -11.54
N GLY B 312 -18.07 -37.96 -10.90
CA GLY B 312 -16.66 -37.60 -10.94
C GLY B 312 -16.24 -36.48 -9.99
N LEU B 313 -17.17 -36.01 -9.18
CA LEU B 313 -16.87 -34.94 -8.24
C LEU B 313 -17.20 -35.32 -6.80
N GLU B 314 -16.73 -34.47 -5.89
CA GLU B 314 -16.98 -34.61 -4.47
C GLU B 314 -16.87 -33.21 -3.94
N CYS B 315 -18.01 -32.62 -3.63
CA CYS B 315 -18.06 -31.25 -3.15
C CYS B 315 -18.61 -31.13 -1.74
N PRO B 316 -17.76 -30.77 -0.77
CA PRO B 316 -18.26 -30.63 0.59
C PRO B 316 -19.12 -29.36 0.63
N LYS B 317 -20.27 -29.44 1.29
CA LYS B 317 -21.17 -28.29 1.36
C LYS B 317 -20.55 -27.10 2.09
N PRO B 318 -20.39 -25.97 1.38
CA PRO B 318 -19.80 -24.76 1.98
C PRO B 318 -20.87 -23.88 2.61
N ASP B 319 -20.58 -23.31 3.78
CA ASP B 319 -21.55 -22.45 4.44
C ASP B 319 -21.07 -20.99 4.54
N GLY B 320 -20.02 -20.65 3.80
CA GLY B 320 -19.51 -19.28 3.84
C GLY B 320 -18.87 -18.82 2.55
N ALA B 321 -18.56 -17.53 2.47
CA ALA B 321 -17.94 -16.94 1.28
C ALA B 321 -18.82 -17.21 0.05
N PHE B 322 -18.24 -17.21 -1.15
CA PHE B 322 -19.04 -17.49 -2.35
C PHE B 322 -18.31 -18.44 -3.30
N TYR B 323 -17.65 -19.43 -2.73
CA TYR B 323 -16.91 -20.42 -3.51
C TYR B 323 -17.33 -21.86 -3.23
N MET B 324 -17.05 -22.72 -4.21
CA MET B 324 -17.29 -24.15 -4.13
C MET B 324 -15.92 -24.71 -4.52
N PHE B 325 -15.44 -25.70 -3.80
CA PHE B 325 -14.12 -26.27 -4.07
C PHE B 325 -14.22 -27.80 -4.18
N PRO B 326 -14.87 -28.29 -5.24
CA PRO B 326 -15.02 -29.74 -5.41
C PRO B 326 -13.75 -30.47 -5.83
N SER B 327 -13.66 -31.73 -5.40
CA SER B 327 -12.54 -32.58 -5.75
C SER B 327 -12.83 -33.20 -7.11
N ILE B 328 -11.83 -33.20 -7.99
CA ILE B 328 -11.96 -33.78 -9.33
C ILE B 328 -11.07 -35.02 -9.42
N ALA B 329 -10.65 -35.51 -8.26
CA ALA B 329 -9.78 -36.66 -8.14
C ALA B 329 -10.27 -37.88 -8.94
N LYS B 330 -11.57 -38.14 -8.91
CA LYS B 330 -12.11 -39.28 -9.62
C LYS B 330 -11.91 -39.21 -11.14
N THR B 331 -11.58 -38.04 -11.65
CA THR B 331 -11.38 -37.89 -13.08
C THR B 331 -9.96 -38.33 -13.45
N GLY B 332 -9.13 -38.51 -12.43
CA GLY B 332 -7.75 -38.93 -12.65
C GLY B 332 -6.89 -37.86 -13.31
N ARG B 333 -7.38 -36.62 -13.35
CA ARG B 333 -6.64 -35.53 -13.97
C ARG B 333 -6.17 -34.49 -12.96
N SER B 334 -5.02 -33.86 -13.21
CA SER B 334 -4.53 -32.81 -12.32
C SER B 334 -5.42 -31.60 -12.55
N SER B 335 -5.45 -30.66 -11.60
CA SER B 335 -6.30 -29.48 -11.75
C SER B 335 -5.99 -28.63 -12.98
N LEU B 336 -4.70 -28.49 -13.31
CA LEU B 336 -4.33 -27.68 -14.48
C LEU B 336 -4.89 -28.27 -15.76
N ASP B 337 -4.71 -29.57 -15.91
CA ASP B 337 -5.20 -30.26 -17.11
C ASP B 337 -6.73 -30.19 -17.16
N PHE B 338 -7.37 -30.48 -16.04
CA PHE B 338 -8.83 -30.48 -15.99
C PHE B 338 -9.44 -29.14 -16.38
N CYS B 339 -8.99 -28.06 -15.75
CA CYS B 339 -9.54 -26.75 -16.04
C CYS B 339 -9.18 -26.25 -17.43
N SER B 340 -7.97 -26.54 -17.90
CA SER B 340 -7.56 -26.10 -19.23
C SER B 340 -8.41 -26.82 -20.28
N GLU B 341 -8.64 -28.12 -20.06
CA GLU B 341 -9.44 -28.91 -20.99
C GLU B 341 -10.90 -28.48 -20.98
N LEU B 342 -11.43 -28.19 -19.80
CA LEU B 342 -12.82 -27.76 -19.67
C LEU B 342 -13.03 -26.44 -20.41
N LEU B 343 -12.03 -25.56 -20.33
CA LEU B 343 -12.11 -24.27 -20.99
C LEU B 343 -12.06 -24.45 -22.50
N ASP B 344 -11.09 -25.22 -22.96
CA ASP B 344 -10.93 -25.44 -24.39
C ASP B 344 -12.11 -26.19 -25.04
N GLN B 345 -12.58 -27.22 -24.37
CA GLN B 345 -13.67 -28.06 -24.87
C GLN B 345 -15.09 -27.53 -24.69
N HIS B 346 -15.36 -26.90 -23.54
CA HIS B 346 -16.70 -26.40 -23.27
C HIS B 346 -16.80 -24.94 -22.92
N GLN B 347 -15.69 -24.22 -23.00
CA GLN B 347 -15.68 -22.80 -22.74
C GLN B 347 -16.20 -22.42 -21.34
N VAL B 348 -15.71 -23.12 -20.32
CA VAL B 348 -16.09 -22.81 -18.95
C VAL B 348 -14.80 -22.55 -18.19
N ALA B 349 -14.70 -21.41 -17.53
CA ALA B 349 -13.50 -21.08 -16.79
C ALA B 349 -13.64 -21.36 -15.30
N THR B 350 -12.69 -22.10 -14.76
CA THR B 350 -12.64 -22.45 -13.33
C THR B 350 -11.18 -22.32 -12.92
N VAL B 351 -10.93 -22.16 -11.63
CA VAL B 351 -9.55 -22.02 -11.14
C VAL B 351 -8.97 -23.34 -10.63
N PRO B 352 -7.82 -23.77 -11.17
CA PRO B 352 -7.20 -25.02 -10.73
C PRO B 352 -6.81 -24.97 -9.24
N GLY B 353 -7.14 -26.01 -8.50
CA GLY B 353 -6.81 -26.05 -7.09
C GLY B 353 -5.32 -25.98 -6.80
N ALA B 354 -4.49 -26.30 -7.78
CA ALA B 354 -3.05 -26.25 -7.59
C ALA B 354 -2.61 -24.89 -7.06
N ALA B 355 -3.29 -23.83 -7.49
CA ALA B 355 -2.94 -22.49 -7.04
C ALA B 355 -3.11 -22.33 -5.53
N PHE B 356 -4.03 -23.09 -4.95
CA PHE B 356 -4.29 -23.01 -3.52
C PHE B 356 -3.67 -24.17 -2.75
N GLY B 357 -2.77 -24.91 -3.39
CA GLY B 357 -2.13 -26.03 -2.74
C GLY B 357 -2.95 -27.32 -2.71
N ALA B 358 -3.85 -27.48 -3.68
CA ALA B 358 -4.69 -28.68 -3.76
C ALA B 358 -4.91 -29.06 -5.23
N ASP B 359 -3.93 -29.77 -5.78
CA ASP B 359 -3.96 -30.16 -7.18
C ASP B 359 -5.10 -31.07 -7.66
N ASP B 360 -5.85 -31.67 -6.74
CA ASP B 360 -6.96 -32.54 -7.16
C ASP B 360 -8.33 -31.88 -6.97
N CYS B 361 -8.35 -30.55 -6.89
CA CYS B 361 -9.58 -29.79 -6.74
C CYS B 361 -9.59 -28.59 -7.67
N ILE B 362 -10.73 -27.91 -7.74
CA ILE B 362 -10.87 -26.71 -8.55
C ILE B 362 -11.78 -25.75 -7.79
N ARG B 363 -11.61 -24.44 -8.02
CA ARG B 363 -12.45 -23.46 -7.35
C ARG B 363 -13.44 -22.84 -8.32
N LEU B 364 -14.69 -22.73 -7.89
CA LEU B 364 -15.73 -22.10 -8.69
C LEU B 364 -16.34 -21.01 -7.82
N SER B 365 -16.72 -19.90 -8.45
CA SER B 365 -17.36 -18.82 -7.74
C SER B 365 -18.74 -18.60 -8.34
N TYR B 366 -19.76 -18.54 -7.48
CA TYR B 366 -21.12 -18.32 -7.95
C TYR B 366 -21.49 -16.85 -7.78
N ALA B 367 -20.47 -16.00 -7.80
CA ALA B 367 -20.66 -14.56 -7.69
C ALA B 367 -20.86 -14.04 -9.12
N THR B 368 -21.85 -14.59 -9.79
CA THR B 368 -22.17 -14.20 -11.15
C THR B 368 -23.67 -14.46 -11.36
N ASP B 369 -24.21 -14.04 -12.49
CA ASP B 369 -25.64 -14.22 -12.71
C ASP B 369 -26.07 -15.68 -12.80
N LEU B 370 -27.32 -15.91 -12.39
CA LEU B 370 -27.91 -17.23 -12.36
C LEU B 370 -27.95 -17.92 -13.73
N ASP B 371 -28.14 -17.16 -14.80
CA ASP B 371 -28.19 -17.73 -16.13
C ASP B 371 -26.82 -18.26 -16.55
N THR B 372 -25.75 -17.58 -16.13
CA THR B 372 -24.41 -18.03 -16.45
C THR B 372 -24.15 -19.32 -15.68
N ILE B 373 -24.64 -19.37 -14.45
CA ILE B 373 -24.47 -20.55 -13.60
C ILE B 373 -25.20 -21.76 -14.19
N LYS B 374 -26.44 -21.56 -14.62
CA LYS B 374 -27.23 -22.65 -15.19
C LYS B 374 -26.59 -23.22 -16.45
N ARG B 375 -26.23 -22.34 -17.37
CA ARG B 375 -25.59 -22.76 -18.63
C ARG B 375 -24.21 -23.35 -18.38
N GLY B 376 -23.44 -22.70 -17.51
CA GLY B 376 -22.11 -23.19 -17.22
C GLY B 376 -22.12 -24.57 -16.57
N MET B 377 -23.00 -24.78 -15.60
CA MET B 377 -23.09 -26.07 -14.93
C MET B 377 -23.53 -27.17 -15.90
N GLU B 378 -24.36 -26.81 -16.88
CA GLU B 378 -24.79 -27.80 -17.86
C GLU B 378 -23.57 -28.26 -18.67
N ARG B 379 -22.73 -27.31 -19.05
CA ARG B 379 -21.53 -27.61 -19.84
C ARG B 379 -20.54 -28.45 -19.02
N LEU B 380 -20.40 -28.11 -17.75
CA LEU B 380 -19.50 -28.82 -16.87
C LEU B 380 -19.92 -30.28 -16.72
N GLU B 381 -21.21 -30.50 -16.49
CA GLU B 381 -21.75 -31.85 -16.34
C GLU B 381 -21.46 -32.65 -17.62
N LYS B 382 -21.71 -32.02 -18.75
CA LYS B 382 -21.48 -32.66 -20.05
C LYS B 382 -19.99 -33.01 -20.18
N PHE B 383 -19.11 -32.14 -19.70
CA PHE B 383 -17.68 -32.38 -19.76
C PHE B 383 -17.32 -33.62 -18.93
N LEU B 384 -17.83 -33.66 -17.70
CA LEU B 384 -17.55 -34.79 -16.81
C LEU B 384 -18.01 -36.12 -17.42
N HIS B 385 -19.19 -36.13 -18.04
CA HIS B 385 -19.70 -37.35 -18.67
C HIS B 385 -18.83 -37.78 -19.84
N GLY B 386 -18.18 -36.81 -20.48
CA GLY B 386 -17.33 -37.13 -21.61
C GLY B 386 -15.91 -37.55 -21.30
N ILE B 387 -15.47 -37.42 -20.05
CA ILE B 387 -14.10 -37.80 -19.70
C ILE B 387 -13.97 -38.92 -18.69
N LEU B 388 -15.09 -39.36 -18.12
CA LEU B 388 -15.03 -40.43 -17.14
C LEU B 388 -15.10 -41.79 -17.84
#